data_6BJ9
#
_entry.id   6BJ9
#
_cell.length_a   71.574
_cell.length_b   88.123
_cell.length_c   142.265
_cell.angle_alpha   90.0
_cell.angle_beta   90.0
_cell.angle_gamma   90.0
#
_symmetry.space_group_name_H-M   'P 2 21 21'
#
loop_
_entity.id
_entity.type
_entity.pdbx_description
1 polymer 'Acetyl-CoA acetyltransferase A'
2 non-polymer 'POTASSIUM ION'
3 water water
#
_entity_poly.entity_id   1
_entity_poly.type   'polypeptide(L)'
_entity_poly.pdbx_seq_one_letter_code
;GTGSRPITDVVFVGAARTPIGSFRSAFNNVPVTVLGREALKGALKNANVKPSLVQEAFIGVVVPSNAGQGPARQVVLGAG
CDVSTVVTAVNKMCASGMKAIACAASILQLDLQEMVVAGGMESMSCVPFYLPRGEIPFGGTKLIDGIPRDGLNDVYNDIL
MGACADKVAKQFAITREEQDKYAILSYKRSAAAWKEGIFAKEIIPLEVTQGKKTITVEEDEEYKKVNFEKIPKLKPAFTS
EGSVTAANASTLNDGAAMVVMTTVDGAKKHGLKPLARMLAYGDAATHPIDFGIAPASVIPKVLKLAGLQIKDIDLWEINE
AFAVVPLYTMKTLGLDESKVNIHGGAVSLGHPIGMSGARIVGHLVHTLKPGQKGCAAICNGGGGAGGMIIEKL
;
_entity_poly.pdbx_strand_id   A,B
#
loop_
_chem_comp.id
_chem_comp.type
_chem_comp.name
_chem_comp.formula
K non-polymer 'POTASSIUM ION' 'K 1'
#
# COMPACT_ATOMS: atom_id res chain seq x y z
N ARG A 5 -7.20 39.39 -8.92
CA ARG A 5 -7.55 37.97 -8.87
C ARG A 5 -8.15 37.57 -7.54
N PRO A 6 -9.18 36.72 -7.57
CA PRO A 6 -9.60 36.09 -6.32
C PRO A 6 -8.63 35.00 -5.88
N ILE A 7 -8.67 34.66 -4.60
CA ILE A 7 -7.78 33.64 -4.05
C ILE A 7 -7.99 32.29 -4.72
N THR A 8 -9.22 32.05 -5.19
CA THR A 8 -9.58 30.78 -5.81
C THR A 8 -8.97 30.58 -7.19
N ASP A 9 -8.35 31.63 -7.73
CA ASP A 9 -7.56 31.50 -8.95
C ASP A 9 -6.21 30.78 -8.71
N VAL A 10 -5.81 30.68 -7.45
CA VAL A 10 -4.55 30.03 -7.09
C VAL A 10 -4.79 28.52 -7.02
N VAL A 11 -4.11 27.79 -7.90
CA VAL A 11 -4.27 26.35 -7.95
C VAL A 11 -2.99 25.59 -7.72
N PHE A 12 -3.14 24.46 -7.05
CA PHE A 12 -2.07 23.50 -6.91
C PHE A 12 -2.10 22.56 -8.09
N VAL A 13 -0.98 22.38 -8.78
CA VAL A 13 -0.91 21.42 -9.90
C VAL A 13 0.00 20.22 -9.64
N GLY A 14 0.81 20.24 -8.58
CA GLY A 14 1.56 19.08 -8.19
C GLY A 14 1.93 19.14 -6.72
N ALA A 15 2.20 17.97 -6.17
CA ALA A 15 2.64 17.83 -4.78
C ALA A 15 3.40 16.53 -4.63
N ALA A 16 4.51 16.58 -3.91
CA ALA A 16 5.26 15.38 -3.62
C ALA A 16 6.08 15.52 -2.34
N ARG A 17 6.49 14.41 -1.78
CA ARG A 17 7.36 14.43 -0.62
C ARG A 17 8.27 13.24 -0.55
N THR A 18 9.38 13.40 0.15
CA THR A 18 10.20 12.28 0.52
C THR A 18 9.47 11.50 1.61
N PRO A 19 9.83 10.22 1.78
CA PRO A 19 9.52 9.60 3.06
C PRO A 19 10.13 10.39 4.20
N ILE A 20 9.62 10.19 5.41
CA ILE A 20 10.21 10.79 6.59
C ILE A 20 11.11 9.77 7.24
N GLY A 21 12.39 10.09 7.29
CA GLY A 21 13.39 9.27 7.95
C GLY A 21 13.42 9.51 9.45
N SER A 22 13.79 8.48 10.20
CA SER A 22 13.98 8.59 11.65
C SER A 22 15.39 9.16 11.95
N PHE A 23 15.54 9.69 13.16
CA PHE A 23 16.73 10.43 13.54
C PHE A 23 17.99 9.58 13.40
N ARG A 24 18.93 10.09 12.60
CA ARG A 24 20.22 9.45 12.35
C ARG A 24 20.09 8.05 11.78
N SER A 25 19.01 7.84 11.03
CA SER A 25 18.75 6.52 10.46
C SER A 25 18.71 6.57 8.92
N ALA A 26 17.55 6.46 8.30
CA ALA A 26 17.50 6.30 6.84
C ALA A 26 18.24 7.39 6.09
N PHE A 27 18.07 8.64 6.53
CA PHE A 27 18.69 9.78 5.85
C PHE A 27 19.81 10.38 6.70
N ASN A 28 20.44 9.58 7.54
CA ASN A 28 21.63 10.03 8.24
C ASN A 28 22.68 10.52 7.23
N ASN A 29 23.32 11.64 7.55
CA ASN A 29 24.33 12.24 6.66
C ASN A 29 23.81 12.69 5.28
N VAL A 30 22.50 12.66 5.05
CA VAL A 30 21.96 13.19 3.80
C VAL A 30 21.54 14.65 4.02
N PRO A 31 22.22 15.61 3.38
CA PRO A 31 21.88 17.00 3.63
C PRO A 31 20.45 17.35 3.25
N VAL A 32 19.95 18.38 3.93
CA VAL A 32 18.57 18.82 3.74
C VAL A 32 18.34 19.21 2.28
N THR A 33 19.38 19.70 1.63
CA THR A 33 19.28 20.12 0.24
C THR A 33 19.03 18.95 -0.73
N VAL A 34 19.55 17.78 -0.42
CA VAL A 34 19.24 16.58 -1.22
C VAL A 34 17.78 16.20 -1.05
N LEU A 35 17.29 16.22 0.19
CA LEU A 35 15.89 15.88 0.43
C LEU A 35 14.98 16.86 -0.31
N GLY A 36 15.29 18.14 -0.19
CA GLY A 36 14.52 19.16 -0.87
C GLY A 36 14.52 18.99 -2.38
N ARG A 37 15.71 18.73 -2.92
CA ARG A 37 15.86 18.56 -4.36
C ARG A 37 14.95 17.45 -4.88
N GLU A 38 15.01 16.31 -4.22
CA GLU A 38 14.24 15.16 -4.68
C GLU A 38 12.74 15.38 -4.53
N ALA A 39 12.31 16.01 -3.44
CA ALA A 39 10.89 16.33 -3.32
C ALA A 39 10.45 17.33 -4.40
N LEU A 40 11.30 18.30 -4.72
CA LEU A 40 10.93 19.29 -5.72
C LEU A 40 10.87 18.68 -7.12
N LYS A 41 11.84 17.84 -7.46
CA LYS A 41 11.82 17.09 -8.73
C LYS A 41 10.54 16.28 -8.83
N GLY A 42 10.17 15.63 -7.74
CA GLY A 42 8.97 14.81 -7.69
C GLY A 42 7.70 15.61 -7.88
N ALA A 43 7.63 16.78 -7.25
CA ALA A 43 6.46 17.60 -7.38
C ALA A 43 6.28 18.13 -8.79
N LEU A 44 7.39 18.51 -9.42
CA LEU A 44 7.36 19.03 -10.78
C LEU A 44 6.90 17.93 -11.75
N LYS A 45 7.43 16.73 -11.56
CA LYS A 45 7.00 15.55 -12.35
C LYS A 45 5.52 15.25 -12.12
N ASN A 46 5.08 15.33 -10.86
CA ASN A 46 3.66 15.14 -10.55
C ASN A 46 2.78 16.14 -11.29
N ALA A 47 3.28 17.37 -11.46
CA ALA A 47 2.51 18.44 -12.09
C ALA A 47 2.62 18.44 -13.62
N ASN A 48 3.53 17.62 -14.15
CA ASN A 48 3.91 17.61 -15.56
C ASN A 48 4.36 19.00 -15.97
N VAL A 49 5.17 19.60 -15.08
CA VAL A 49 5.74 20.94 -15.30
C VAL A 49 7.25 20.83 -15.48
N LYS A 50 7.75 21.22 -16.64
CA LYS A 50 9.19 21.20 -16.83
C LYS A 50 9.84 22.24 -15.90
N PRO A 51 10.98 21.87 -15.29
CA PRO A 51 11.59 22.78 -14.31
C PRO A 51 11.85 24.19 -14.85
N SER A 52 12.07 24.34 -16.15
CA SER A 52 12.35 25.65 -16.73
C SER A 52 11.19 26.64 -16.68
N LEU A 53 9.98 26.17 -16.35
CA LEU A 53 8.81 27.05 -16.27
C LEU A 53 8.68 27.71 -14.89
N VAL A 54 9.43 27.23 -13.92
CA VAL A 54 9.33 27.75 -12.55
C VAL A 54 9.98 29.13 -12.49
N GLN A 55 9.24 30.12 -12.00
CA GLN A 55 9.72 31.49 -11.92
C GLN A 55 10.18 31.88 -10.51
N GLU A 56 9.60 31.28 -9.49
CA GLU A 56 9.89 31.70 -8.11
C GLU A 56 9.62 30.53 -7.16
N ALA A 57 10.34 30.51 -6.05
CA ALA A 57 10.25 29.46 -5.03
C ALA A 57 10.30 30.06 -3.63
N PHE A 58 9.52 29.50 -2.71
CA PHE A 58 9.64 29.78 -1.27
C PHE A 58 9.76 28.45 -0.57
N ILE A 59 10.82 28.26 0.22
CA ILE A 59 11.03 26.98 0.89
C ILE A 59 11.30 27.19 2.37
N GLY A 60 10.53 26.49 3.20
CA GLY A 60 10.70 26.57 4.64
C GLY A 60 11.82 25.67 5.11
N VAL A 61 12.63 26.17 6.05
CA VAL A 61 13.67 25.37 6.68
C VAL A 61 14.08 26.13 7.95
N VAL A 62 14.13 25.42 9.08
CA VAL A 62 14.25 26.07 10.38
C VAL A 62 15.66 26.11 10.92
N VAL A 63 16.40 25.01 10.80
CA VAL A 63 17.78 24.96 11.29
C VAL A 63 18.71 24.44 10.19
N PRO A 64 19.01 25.31 9.19
CA PRO A 64 19.86 24.92 8.06
C PRO A 64 21.36 25.13 8.33
N SER A 65 21.75 25.27 9.60
CA SER A 65 23.14 25.52 9.97
C SER A 65 24.06 24.49 9.31
N ASN A 66 25.12 24.98 8.67
CA ASN A 66 26.15 24.20 7.98
C ASN A 66 25.67 23.50 6.71
N ALA A 67 24.49 23.86 6.19
CA ALA A 67 24.03 23.31 4.91
C ALA A 67 24.52 24.15 3.72
N GLY A 68 25.28 25.21 4.03
CA GLY A 68 25.86 26.05 3.00
C GLY A 68 25.00 27.24 2.64
N GLN A 69 25.52 28.07 1.76
CA GLN A 69 24.83 29.29 1.39
C GLN A 69 23.54 28.98 0.64
N GLY A 70 22.45 29.58 1.08
CA GLY A 70 21.19 29.49 0.36
C GLY A 70 20.71 28.10 0.05
N PRO A 71 20.45 27.30 1.08
CA PRO A 71 19.99 25.94 0.83
C PRO A 71 18.71 25.90 -0.01
N ALA A 72 17.83 26.89 0.08
CA ALA A 72 16.64 26.90 -0.78
C ALA A 72 17.05 27.04 -2.26
N ARG A 73 18.01 27.91 -2.52
CA ARG A 73 18.53 28.10 -3.88
C ARG A 73 19.17 26.79 -4.36
N GLN A 74 19.89 26.12 -3.47
CA GLN A 74 20.54 24.85 -3.82
C GLN A 74 19.51 23.82 -4.27
N VAL A 75 18.39 23.76 -3.58
CA VAL A 75 17.31 22.84 -3.93
C VAL A 75 16.76 23.14 -5.32
N VAL A 76 16.49 24.40 -5.56
CA VAL A 76 15.86 24.84 -6.82
C VAL A 76 16.78 24.59 -8.00
N LEU A 77 18.06 24.95 -7.90
CA LEU A 77 18.99 24.67 -8.98
C LEU A 77 19.23 23.17 -9.10
N GLY A 78 19.31 22.47 -7.96
CA GLY A 78 19.53 21.02 -7.98
C GLY A 78 18.41 20.30 -8.69
N ALA A 79 17.20 20.83 -8.63
CA ALA A 79 16.05 20.20 -9.26
C ALA A 79 15.96 20.49 -10.75
N GLY A 80 16.90 21.29 -11.26
CA GLY A 80 16.93 21.60 -12.69
C GLY A 80 16.25 22.90 -13.10
N CYS A 81 15.80 23.71 -12.14
CA CYS A 81 15.22 24.99 -12.50
C CYS A 81 16.29 25.94 -13.04
N ASP A 82 15.85 26.93 -13.80
CA ASP A 82 16.77 27.88 -14.44
C ASP A 82 17.38 28.76 -13.37
N VAL A 83 18.59 29.24 -13.65
CA VAL A 83 19.23 30.18 -12.73
C VAL A 83 18.44 31.49 -12.61
N SER A 84 17.53 31.76 -13.55
CA SER A 84 16.67 32.94 -13.51
C SER A 84 15.59 32.86 -12.43
N THR A 85 15.48 31.68 -11.80
CA THR A 85 14.43 31.47 -10.79
C THR A 85 14.73 32.26 -9.51
N VAL A 86 13.71 32.96 -9.01
CA VAL A 86 13.77 33.74 -7.77
C VAL A 86 13.55 32.80 -6.59
N VAL A 87 14.44 32.84 -5.59
CA VAL A 87 14.31 31.91 -4.46
C VAL A 87 14.46 32.60 -3.11
N THR A 88 13.59 32.21 -2.16
CA THR A 88 13.60 32.69 -0.79
C THR A 88 13.35 31.53 0.15
N ALA A 89 14.06 31.52 1.29
CA ALA A 89 13.76 30.61 2.38
C ALA A 89 12.97 31.31 3.46
N VAL A 90 12.07 30.57 4.11
CA VAL A 90 11.35 31.13 5.23
C VAL A 90 11.48 30.26 6.46
N ASN A 91 11.44 30.93 7.61
CA ASN A 91 11.46 30.27 8.91
C ASN A 91 10.35 30.84 9.78
N LYS A 92 9.30 30.04 9.91
CA LYS A 92 8.25 30.25 10.91
C LYS A 92 8.19 28.98 11.80
N MET A 93 9.36 28.50 12.21
CA MET A 93 9.51 27.29 12.99
C MET A 93 8.66 26.19 12.35
N CYS A 94 7.84 25.51 13.14
CA CYS A 94 7.09 24.36 12.68
C CYS A 94 6.08 24.68 11.57
N ALA A 95 5.72 25.96 11.41
CA ALA A 95 4.78 26.40 10.36
C ALA A 95 5.48 26.75 9.06
N SER A 96 6.81 26.64 9.01
CA SER A 96 7.57 27.15 7.86
C SER A 96 7.10 26.63 6.50
N GLY A 97 6.81 25.34 6.42
CA GLY A 97 6.44 24.75 5.15
C GLY A 97 5.08 25.20 4.68
N MET A 98 4.21 25.57 5.61
CA MET A 98 2.89 26.14 5.25
C MET A 98 3.03 27.62 4.87
N LYS A 99 3.78 28.38 5.67
CA LYS A 99 3.94 29.80 5.41
C LYS A 99 4.60 30.01 4.05
N ALA A 100 5.52 29.13 3.65
CA ALA A 100 6.12 29.21 2.33
C ALA A 100 5.05 29.14 1.23
N ILE A 101 4.11 28.22 1.39
CA ILE A 101 3.03 28.05 0.43
C ILE A 101 2.14 29.29 0.42
N ALA A 102 1.88 29.86 1.58
CA ALA A 102 1.09 31.09 1.65
C ALA A 102 1.78 32.23 0.90
N CYS A 103 3.09 32.39 1.10
CA CYS A 103 3.83 33.46 0.44
C CYS A 103 3.76 33.31 -1.07
N ALA A 104 3.89 32.08 -1.54
CA ALA A 104 3.77 31.78 -2.97
C ALA A 104 2.37 32.15 -3.48
N ALA A 105 1.34 31.76 -2.72
CA ALA A 105 -0.03 32.11 -3.09
C ALA A 105 -0.23 33.62 -3.20
N SER A 106 0.36 34.38 -2.27
CA SER A 106 0.19 35.82 -2.31
C SER A 106 0.72 36.42 -3.62
N ILE A 107 1.92 36.05 -4.04
CA ILE A 107 2.44 36.67 -5.25
C ILE A 107 1.71 36.17 -6.51
N LEU A 108 1.17 34.95 -6.49
CA LEU A 108 0.32 34.51 -7.58
C LEU A 108 -0.97 35.33 -7.65
N GLN A 109 -1.62 35.55 -6.51
CA GLN A 109 -2.88 36.30 -6.53
C GLN A 109 -2.65 37.75 -6.99
N LEU A 110 -1.45 38.28 -6.76
CA LEU A 110 -1.10 39.64 -7.18
C LEU A 110 -0.55 39.70 -8.60
N ASP A 111 -0.52 38.55 -9.27
CA ASP A 111 -0.03 38.39 -10.63
C ASP A 111 1.42 38.85 -10.80
N LEU A 112 2.22 38.68 -9.76
CA LEU A 112 3.64 39.02 -9.81
C LEU A 112 4.49 37.89 -10.44
N GLN A 113 3.98 36.68 -10.36
CA GLN A 113 4.51 35.53 -11.06
C GLN A 113 3.34 34.66 -11.52
N GLU A 114 3.64 33.68 -12.36
CA GLU A 114 2.64 32.75 -12.87
C GLU A 114 2.87 31.31 -12.43
N MET A 115 4.13 30.91 -12.27
CA MET A 115 4.47 29.53 -11.93
C MET A 115 5.44 29.55 -10.77
N VAL A 116 5.01 29.04 -9.61
CA VAL A 116 5.79 29.13 -8.37
C VAL A 116 5.80 27.77 -7.69
N VAL A 117 6.90 27.44 -7.03
CA VAL A 117 6.95 26.26 -6.18
C VAL A 117 7.14 26.67 -4.73
N ALA A 118 6.72 25.81 -3.84
CA ALA A 118 6.82 26.10 -2.42
C ALA A 118 6.83 24.83 -1.62
N GLY A 119 7.39 24.88 -0.43
CA GLY A 119 7.38 23.70 0.41
C GLY A 119 8.24 23.92 1.62
N GLY A 120 8.69 22.81 2.18
CA GLY A 120 9.47 22.80 3.39
C GLY A 120 10.34 21.58 3.49
N MET A 121 11.40 21.69 4.28
CA MET A 121 12.42 20.67 4.40
C MET A 121 13.13 20.78 5.72
N GLU A 122 13.61 19.65 6.22
CA GLU A 122 14.49 19.66 7.37
C GLU A 122 15.31 18.38 7.41
N SER A 123 16.59 18.52 7.72
CA SER A 123 17.40 17.38 8.11
C SER A 123 17.82 17.60 9.55
N MET A 124 17.09 17.01 10.48
CA MET A 124 17.49 17.14 11.85
C MET A 124 18.74 16.29 12.13
N SER A 125 18.89 15.17 11.42
CA SER A 125 20.11 14.35 11.56
C SER A 125 21.40 15.11 11.26
N CYS A 126 21.32 16.11 10.40
CA CYS A 126 22.50 16.87 9.98
C CYS A 126 22.68 18.20 10.71
N VAL A 127 21.83 18.49 11.70
CA VAL A 127 22.04 19.70 12.46
C VAL A 127 23.34 19.60 13.26
N PRO A 128 24.20 20.63 13.18
CA PRO A 128 25.50 20.54 13.85
C PRO A 128 25.45 21.01 15.30
N PHE A 129 26.62 20.94 15.94
CA PHE A 129 26.88 21.57 17.20
C PHE A 129 27.57 22.93 16.98
N TYR A 130 27.42 23.85 17.93
CA TYR A 130 27.94 25.19 17.83
C TYR A 130 29.02 25.45 18.87
N LEU A 131 30.05 26.17 18.46
CA LEU A 131 31.01 26.78 19.36
C LEU A 131 31.04 28.29 19.11
N PRO A 132 30.82 29.11 20.15
CA PRO A 132 30.80 30.54 19.85
C PRO A 132 32.15 31.09 19.39
N ARG A 133 32.08 32.19 18.62
CA ARG A 133 33.23 32.91 18.14
C ARG A 133 34.00 33.57 19.28
N GLY A 134 35.29 33.77 19.10
CA GLY A 134 36.09 34.48 20.08
C GLY A 134 36.87 33.59 21.04
N GLU A 135 37.38 34.19 22.11
CA GLU A 135 38.16 33.49 23.11
C GLU A 135 37.33 32.38 23.78
N ILE A 136 37.76 31.13 23.61
CA ILE A 136 37.18 30.03 24.40
C ILE A 136 37.51 30.29 25.85
N PRO A 137 36.49 30.39 26.70
CA PRO A 137 36.75 30.81 28.08
C PRO A 137 37.66 29.86 28.85
N PHE A 138 38.54 30.43 29.67
CA PHE A 138 39.28 29.63 30.62
C PHE A 138 38.33 28.74 31.42
N GLY A 139 38.64 27.44 31.48
CA GLY A 139 37.82 26.48 32.18
C GLY A 139 36.91 25.70 31.24
N GLY A 140 36.87 26.13 29.99
CA GLY A 140 36.11 25.43 28.97
C GLY A 140 34.72 26.01 28.77
N THR A 141 33.97 25.36 27.89
CA THR A 141 32.65 25.87 27.51
C THR A 141 31.85 24.76 26.87
N LYS A 142 30.55 24.99 26.71
CA LYS A 142 29.67 23.97 26.17
C LYS A 142 29.59 24.02 24.65
N LEU A 143 29.71 22.85 24.04
CA LEU A 143 29.35 22.67 22.64
C LEU A 143 27.84 22.55 22.61
N ILE A 144 27.18 23.46 21.88
CA ILE A 144 25.73 23.64 21.89
C ILE A 144 25.08 22.83 20.78
N ASP A 145 24.03 22.07 21.12
CA ASP A 145 23.30 21.29 20.12
C ASP A 145 22.29 22.18 19.41
N GLY A 146 22.43 22.32 18.09
CA GLY A 146 21.55 23.20 17.35
C GLY A 146 20.09 22.80 17.39
N ILE A 147 19.79 21.52 17.64
CA ILE A 147 18.38 21.08 17.62
C ILE A 147 17.56 21.75 18.76
N PRO A 148 17.95 21.57 20.03
CA PRO A 148 17.24 22.34 21.05
C PRO A 148 17.49 23.83 20.93
N ARG A 149 18.72 24.22 20.61
CA ARG A 149 19.04 25.64 20.68
C ARG A 149 18.25 26.47 19.68
N ASP A 150 18.26 26.08 18.41
CA ASP A 150 17.57 26.86 17.40
C ASP A 150 16.22 26.27 16.94
N GLY A 151 15.94 25.04 17.34
CA GLY A 151 14.75 24.32 16.88
C GLY A 151 13.63 24.13 17.88
N LEU A 152 13.95 23.59 19.05
CA LEU A 152 12.91 23.05 19.94
C LEU A 152 12.88 23.56 21.38
N ASN A 153 13.84 24.37 21.82
CA ASN A 153 13.77 24.98 23.17
C ASN A 153 13.10 26.34 23.12
N ASP A 154 12.05 26.54 23.91
CA ASP A 154 11.47 27.87 23.96
C ASP A 154 12.40 28.86 24.64
N VAL A 155 12.70 29.97 23.96
CA VAL A 155 13.66 30.96 24.48
C VAL A 155 13.19 31.68 25.73
N TYR A 156 11.91 32.04 25.77
CA TYR A 156 11.37 32.93 26.82
C TYR A 156 11.26 32.18 28.14
N ASN A 157 10.81 30.93 28.07
CA ASN A 157 10.64 30.10 29.26
C ASN A 157 11.84 29.22 29.55
N ASP A 158 12.72 29.07 28.56
CA ASP A 158 13.88 28.18 28.64
C ASP A 158 13.48 26.76 29.04
N ILE A 159 12.45 26.26 28.37
CA ILE A 159 12.01 24.87 28.51
C ILE A 159 11.70 24.37 27.11
N LEU A 160 11.80 23.06 26.96
CA LEU A 160 11.55 22.40 25.69
C LEU A 160 10.10 22.49 25.31
N MET A 161 9.82 22.39 24.02
CA MET A 161 8.46 22.45 23.54
C MET A 161 7.60 21.38 24.23
N GLY A 162 8.14 20.19 24.51
CA GLY A 162 7.38 19.17 25.19
C GLY A 162 6.98 19.56 26.60
N ALA A 163 7.85 20.33 27.28
CA ALA A 163 7.51 20.83 28.62
C ALA A 163 6.39 21.86 28.54
N CYS A 164 6.35 22.65 27.47
CA CYS A 164 5.24 23.56 27.24
C CYS A 164 3.95 22.76 27.05
N ALA A 165 4.02 21.68 26.28
CA ALA A 165 2.86 20.84 26.07
C ALA A 165 2.35 20.27 27.39
N ASP A 166 3.26 19.90 28.29
CA ASP A 166 2.87 19.42 29.63
C ASP A 166 2.04 20.49 30.34
N LYS A 167 2.48 21.74 30.24
CA LYS A 167 1.77 22.85 30.90
C LYS A 167 0.34 22.98 30.35
N VAL A 168 0.21 22.97 29.04
CA VAL A 168 -1.09 23.09 28.41
C VAL A 168 -1.99 21.90 28.76
N ALA A 169 -1.42 20.69 28.74
CA ALA A 169 -2.16 19.48 29.11
C ALA A 169 -2.72 19.56 30.52
N LYS A 170 -1.88 19.97 31.46
CA LYS A 170 -2.33 20.09 32.85
C LYS A 170 -3.43 21.15 32.99
N GLN A 171 -3.25 22.29 32.34
CA GLN A 171 -4.21 23.39 32.40
C GLN A 171 -5.60 22.98 31.90
N PHE A 172 -5.63 22.18 30.82
CA PHE A 172 -6.88 21.82 30.18
C PHE A 172 -7.30 20.37 30.41
N ALA A 173 -6.67 19.75 31.40
CA ALA A 173 -7.06 18.40 31.83
C ALA A 173 -7.05 17.40 30.66
N ILE A 174 -5.99 17.46 29.87
CA ILE A 174 -5.74 16.48 28.83
C ILE A 174 -4.80 15.44 29.42
N THR A 175 -5.38 14.29 29.76
CA THR A 175 -4.67 13.34 30.59
C THR A 175 -3.65 12.50 29.81
N ARG A 176 -2.71 11.93 30.56
CA ARG A 176 -1.79 10.94 30.04
C ARG A 176 -2.52 9.84 29.26
N GLU A 177 -3.60 9.33 29.83
CA GLU A 177 -4.35 8.26 29.20
C GLU A 177 -4.96 8.70 27.85
N GLU A 178 -5.46 9.92 27.78
CA GLU A 178 -6.05 10.46 26.56
C GLU A 178 -4.96 10.66 25.52
N GLN A 179 -3.81 11.16 25.95
CA GLN A 179 -2.70 11.37 25.03
C GLN A 179 -2.20 10.05 24.47
N ASP A 180 -2.11 9.02 25.32
CA ASP A 180 -1.64 7.71 24.85
C ASP A 180 -2.66 7.06 23.92
N LYS A 181 -3.96 7.21 24.22
CA LYS A 181 -5.01 6.70 23.35
C LYS A 181 -4.90 7.34 21.98
N TYR A 182 -4.69 8.66 21.95
CA TYR A 182 -4.54 9.35 20.68
C TYR A 182 -3.27 8.90 19.95
N ALA A 183 -2.18 8.76 20.68
CA ALA A 183 -0.90 8.35 20.07
C ALA A 183 -1.05 6.98 19.43
N ILE A 184 -1.64 6.02 20.16
CA ILE A 184 -1.87 4.72 19.57
C ILE A 184 -2.72 4.80 18.30
N LEU A 185 -3.77 5.60 18.32
CA LEU A 185 -4.59 5.79 17.15
C LEU A 185 -3.77 6.35 15.98
N SER A 186 -2.87 7.30 16.25
CA SER A 186 -2.05 7.84 15.18
C SER A 186 -1.15 6.77 14.57
N TYR A 187 -0.45 6.01 15.41
CA TYR A 187 0.40 4.92 14.93
C TYR A 187 -0.43 3.91 14.12
N LYS A 188 -1.61 3.55 14.59
CA LYS A 188 -2.43 2.61 13.84
C LYS A 188 -2.94 3.19 12.53
N ARG A 189 -3.34 4.45 12.53
CA ARG A 189 -3.76 5.10 11.31
C ARG A 189 -2.63 5.21 10.29
N SER A 190 -1.42 5.54 10.74
CA SER A 190 -0.27 5.60 9.84
C SER A 190 -0.03 4.24 9.18
N ALA A 191 -0.04 3.16 9.96
CA ALA A 191 0.22 1.83 9.40
C ALA A 191 -0.89 1.43 8.43
N ALA A 192 -2.14 1.74 8.76
CA ALA A 192 -3.26 1.39 7.90
C ALA A 192 -3.18 2.15 6.57
N ALA A 193 -2.86 3.43 6.65
CA ALA A 193 -2.77 4.23 5.44
C ALA A 193 -1.66 3.72 4.52
N TRP A 194 -0.51 3.38 5.10
CA TRP A 194 0.58 2.84 4.32
C TRP A 194 0.14 1.53 3.64
N LYS A 195 -0.55 0.68 4.39
CA LYS A 195 -1.01 -0.62 3.80
C LYS A 195 -2.01 -0.43 2.68
N GLU A 196 -2.84 0.60 2.79
CA GLU A 196 -3.89 0.86 1.83
C GLU A 196 -3.42 1.66 0.63
N GLY A 197 -2.13 2.03 0.58
CA GLY A 197 -1.61 2.79 -0.56
C GLY A 197 -1.91 4.27 -0.54
N ILE A 198 -2.37 4.78 0.59
CA ILE A 198 -2.79 6.18 0.70
C ILE A 198 -1.68 7.18 0.33
N PHE A 199 -0.43 6.82 0.62
CA PHE A 199 0.69 7.72 0.36
C PHE A 199 1.34 7.51 -0.99
N ALA A 200 0.82 6.58 -1.80
CA ALA A 200 1.53 6.24 -3.03
C ALA A 200 1.67 7.43 -3.99
N LYS A 201 0.63 8.24 -4.11
CA LYS A 201 0.64 9.40 -5.00
C LYS A 201 1.66 10.42 -4.54
N GLU A 202 1.70 10.70 -3.25
CA GLU A 202 2.53 11.82 -2.81
C GLU A 202 3.99 11.47 -2.60
N ILE A 203 4.32 10.19 -2.38
CA ILE A 203 5.67 9.78 -2.04
C ILE A 203 6.57 9.65 -3.27
N ILE A 204 7.80 10.14 -3.17
CA ILE A 204 8.82 9.78 -4.14
C ILE A 204 9.97 9.12 -3.41
N PRO A 205 10.59 8.11 -4.03
CA PRO A 205 11.65 7.41 -3.35
C PRO A 205 13.00 8.08 -3.47
N LEU A 206 13.91 7.77 -2.54
CA LEU A 206 15.29 8.22 -2.60
C LEU A 206 16.25 7.05 -2.52
N GLU A 207 17.31 7.12 -3.30
CA GLU A 207 18.40 6.18 -3.16
C GLU A 207 19.45 6.78 -2.23
N VAL A 208 19.86 5.99 -1.25
CA VAL A 208 20.86 6.44 -0.27
C VAL A 208 21.96 5.40 -0.21
N THR A 209 23.21 5.87 -0.24
CA THR A 209 24.36 4.97 -0.23
C THR A 209 24.79 4.62 1.19
N THR A 214 24.11 0.93 -1.48
CA THR A 214 22.95 1.75 -1.87
C THR A 214 21.63 1.07 -1.53
N ILE A 215 20.73 1.81 -0.88
CA ILE A 215 19.38 1.31 -0.64
C ILE A 215 18.36 2.36 -1.05
N THR A 216 17.16 1.89 -1.35
CA THR A 216 16.06 2.76 -1.74
C THR A 216 15.16 3.00 -0.54
N VAL A 217 15.03 4.26 -0.14
CA VAL A 217 14.08 4.62 0.91
C VAL A 217 12.76 5.03 0.27
N GLU A 218 11.69 4.32 0.58
CA GLU A 218 10.41 4.58 -0.06
C GLU A 218 9.22 4.60 0.89
N GLU A 219 9.49 4.45 2.18
CA GLU A 219 8.45 4.35 3.19
C GLU A 219 8.84 5.14 4.43
N ASP A 220 7.86 5.78 5.05
CA ASP A 220 8.08 6.48 6.33
C ASP A 220 8.64 5.49 7.35
N GLU A 221 9.69 5.89 8.03
CA GLU A 221 10.45 5.00 8.91
C GLU A 221 9.89 4.95 10.33
N GLU A 222 9.26 6.03 10.78
CA GLU A 222 8.99 6.19 12.20
C GLU A 222 7.87 5.30 12.74
N TYR A 223 6.87 5.03 11.91
CA TYR A 223 5.60 4.55 12.44
C TYR A 223 5.68 3.08 12.88
N LYS A 224 6.75 2.40 12.50
CA LYS A 224 6.98 1.03 12.98
C LYS A 224 7.76 1.00 14.29
N LYS A 225 8.29 2.15 14.70
CA LYS A 225 9.13 2.22 15.90
C LYS A 225 8.24 2.46 17.10
N VAL A 226 7.48 1.43 17.47
CA VAL A 226 6.51 1.55 18.53
C VAL A 226 6.24 0.19 19.17
N ASN A 227 5.96 0.25 20.46
CA ASN A 227 5.53 -0.90 21.24
C ASN A 227 4.30 -0.48 22.02
N PHE A 228 3.13 -0.91 21.56
CA PHE A 228 1.87 -0.47 22.14
C PHE A 228 1.73 -0.86 23.61
N GLU A 229 2.26 -2.01 23.98
CA GLU A 229 2.14 -2.48 25.34
C GLU A 229 2.95 -1.62 26.31
N LYS A 230 4.06 -1.06 25.82
CA LYS A 230 4.93 -0.26 26.67
C LYS A 230 4.47 1.21 26.79
N ILE A 231 3.61 1.64 25.88
CA ILE A 231 3.23 3.06 25.83
C ILE A 231 2.67 3.55 27.18
N PRO A 232 1.75 2.80 27.81
CA PRO A 232 1.22 3.30 29.10
C PRO A 232 2.22 3.20 30.26
N LYS A 233 3.37 2.58 30.03
CA LYS A 233 4.36 2.35 31.08
C LYS A 233 5.51 3.35 31.01
N LEU A 234 5.58 4.11 29.92
CA LEU A 234 6.70 5.04 29.76
C LEU A 234 6.70 6.11 30.82
N LYS A 235 7.89 6.57 31.15
CA LYS A 235 8.07 7.69 32.06
C LYS A 235 7.83 9.00 31.31
N PRO A 236 7.40 10.05 32.03
CA PRO A 236 7.28 11.37 31.40
C PRO A 236 8.60 11.78 30.79
N ALA A 237 8.54 12.43 29.63
CA ALA A 237 9.75 12.78 28.90
C ALA A 237 10.30 14.17 29.20
N PHE A 238 9.45 15.06 29.71
CA PHE A 238 9.81 16.48 29.81
C PHE A 238 9.77 17.09 31.20
N THR A 239 8.85 16.64 32.06
CA THR A 239 8.76 17.17 33.41
C THR A 239 8.43 16.01 34.37
N SER A 240 8.85 16.11 35.63
CA SER A 240 8.77 14.96 36.54
C SER A 240 7.34 14.45 36.73
N GLU A 241 6.38 15.36 36.80
CA GLU A 241 4.98 14.95 36.97
C GLU A 241 4.20 15.12 35.66
N GLY A 242 4.91 15.00 34.54
CA GLY A 242 4.30 15.29 33.25
C GLY A 242 3.47 14.16 32.69
N SER A 243 2.78 14.48 31.59
CA SER A 243 1.94 13.53 30.88
C SER A 243 2.49 13.21 29.49
N VAL A 244 3.33 14.10 28.98
CA VAL A 244 3.92 13.91 27.65
C VAL A 244 5.09 12.91 27.74
N THR A 245 5.11 11.95 26.83
CA THR A 245 6.16 10.93 26.75
C THR A 245 6.76 10.90 25.36
N ALA A 246 7.80 10.08 25.18
CA ALA A 246 8.39 9.95 23.84
C ALA A 246 7.38 9.38 22.87
N ALA A 247 6.50 8.51 23.34
CA ALA A 247 5.52 7.90 22.45
C ALA A 247 4.42 8.85 22.03
N ASN A 248 3.93 9.70 22.93
CA ASN A 248 2.79 10.56 22.59
C ASN A 248 3.24 11.96 22.17
N ALA A 249 4.55 12.13 21.98
CA ALA A 249 5.14 13.34 21.39
C ALA A 249 5.68 13.04 20.02
N SER A 250 5.81 14.07 19.19
CA SER A 250 6.48 13.90 17.90
C SER A 250 7.96 13.64 18.14
N THR A 251 8.62 13.15 17.10
CA THR A 251 10.02 12.74 17.14
C THR A 251 10.88 13.65 16.27
N LEU A 252 12.19 13.43 16.33
CA LEU A 252 13.18 14.11 15.48
C LEU A 252 13.31 13.36 14.17
N ASN A 253 13.17 14.07 13.05
CA ASN A 253 13.11 13.39 11.75
C ASN A 253 13.65 14.24 10.61
N ASP A 254 13.77 13.59 9.46
CA ASP A 254 14.30 14.17 8.23
C ASP A 254 13.29 14.02 7.09
N GLY A 255 13.07 15.06 6.31
CA GLY A 255 12.22 14.96 5.14
C GLY A 255 11.96 16.30 4.46
N ALA A 256 11.36 16.24 3.27
CA ALA A 256 11.01 17.43 2.50
C ALA A 256 9.71 17.17 1.75
N ALA A 257 8.94 18.23 1.56
CA ALA A 257 7.67 18.21 0.85
C ALA A 257 7.56 19.48 0.02
N MET A 258 7.09 19.34 -1.22
CA MET A 258 6.97 20.47 -2.14
C MET A 258 5.68 20.44 -2.91
N VAL A 259 5.23 21.62 -3.31
CA VAL A 259 4.09 21.77 -4.18
C VAL A 259 4.45 22.69 -5.35
N VAL A 260 3.68 22.54 -6.43
CA VAL A 260 3.78 23.40 -7.61
C VAL A 260 2.46 24.13 -7.74
N MET A 261 2.52 25.45 -7.87
CA MET A 261 1.34 26.28 -7.86
C MET A 261 1.34 27.24 -9.04
N THR A 262 0.16 27.54 -9.55
CA THR A 262 0.02 28.49 -10.66
C THR A 262 -1.36 29.15 -10.55
N THR A 263 -1.74 29.92 -11.56
CA THR A 263 -3.09 30.47 -11.62
C THR A 263 -3.92 29.61 -12.54
N VAL A 264 -5.24 29.81 -12.50
CA VAL A 264 -6.12 29.12 -13.45
C VAL A 264 -5.69 29.41 -14.88
N ASP A 265 -5.21 30.62 -15.14
CA ASP A 265 -4.73 30.97 -16.48
C ASP A 265 -3.43 30.28 -16.84
N GLY A 266 -2.50 30.19 -15.89
CA GLY A 266 -1.27 29.48 -16.13
C GLY A 266 -1.50 28.00 -16.40
N ALA A 267 -2.45 27.40 -15.69
CA ALA A 267 -2.75 25.99 -15.88
C ALA A 267 -3.32 25.76 -17.28
N LYS A 268 -4.23 26.65 -17.70
CA LYS A 268 -4.77 26.55 -19.06
C LYS A 268 -3.66 26.70 -20.09
N LYS A 269 -2.84 27.73 -19.93
CA LYS A 269 -1.72 27.99 -20.84
C LYS A 269 -0.83 26.76 -21.06
N HIS A 270 -0.50 26.03 -20.00
CA HIS A 270 0.45 24.93 -20.11
C HIS A 270 -0.20 23.56 -20.17
N GLY A 271 -1.52 23.54 -20.25
CA GLY A 271 -2.25 22.29 -20.39
C GLY A 271 -2.18 21.43 -19.14
N LEU A 272 -2.21 22.09 -17.99
CA LEU A 272 -2.08 21.41 -16.69
C LEU A 272 -3.44 21.13 -16.05
N LYS A 273 -3.49 20.05 -15.26
CA LYS A 273 -4.68 19.71 -14.49
C LYS A 273 -4.61 20.27 -13.06
N PRO A 274 -5.48 21.23 -12.72
CA PRO A 274 -5.55 21.70 -11.34
C PRO A 274 -5.95 20.57 -10.41
N LEU A 275 -5.19 20.37 -9.33
CA LEU A 275 -5.52 19.36 -8.33
C LEU A 275 -6.35 19.93 -7.20
N ALA A 276 -6.15 21.20 -6.89
CA ALA A 276 -6.87 21.84 -5.80
C ALA A 276 -6.74 23.33 -5.95
N ARG A 277 -7.62 24.07 -5.31
CA ARG A 277 -7.47 25.51 -5.27
C ARG A 277 -7.49 26.04 -3.86
N MET A 278 -6.81 27.16 -3.68
CA MET A 278 -6.77 27.85 -2.41
C MET A 278 -8.07 28.52 -2.05
N LEU A 279 -8.54 28.31 -0.82
CA LEU A 279 -9.68 29.06 -0.28
C LEU A 279 -9.32 30.11 0.78
N ALA A 280 -8.29 29.84 1.59
CA ALA A 280 -7.89 30.77 2.64
C ALA A 280 -6.56 30.35 3.25
N TYR A 281 -5.82 31.33 3.75
CA TYR A 281 -4.64 31.03 4.55
C TYR A 281 -4.43 32.17 5.52
N GLY A 282 -3.72 31.90 6.60
CA GLY A 282 -3.45 32.90 7.61
C GLY A 282 -2.72 32.32 8.79
N ASP A 283 -2.61 33.12 9.85
CA ASP A 283 -1.83 32.76 11.02
C ASP A 283 -2.46 33.40 12.24
N ALA A 284 -2.24 32.79 13.40
CA ALA A 284 -2.56 33.39 14.69
C ALA A 284 -1.42 33.10 15.65
N ALA A 285 -1.43 33.73 16.82
CA ALA A 285 -0.39 33.51 17.80
C ALA A 285 -0.87 33.84 19.18
N THR A 286 -0.22 33.22 20.16
CA THR A 286 -0.48 33.50 21.55
C THR A 286 0.84 33.40 22.33
N HIS A 287 0.75 33.35 23.65
CA HIS A 287 1.95 33.24 24.49
C HIS A 287 2.80 32.05 24.09
N PRO A 288 4.12 32.24 24.02
CA PRO A 288 5.01 31.15 23.59
C PRO A 288 4.73 29.79 24.24
N ILE A 289 4.50 29.75 25.55
CA ILE A 289 4.33 28.46 26.21
C ILE A 289 3.04 27.76 25.77
N ASP A 290 2.10 28.55 25.24
CA ASP A 290 0.78 28.08 24.85
C ASP A 290 0.65 27.86 23.33
N PHE A 291 1.76 27.65 22.63
CA PHE A 291 1.66 27.38 21.19
C PHE A 291 0.64 26.26 20.88
N GLY A 292 0.49 25.32 21.80
CA GLY A 292 -0.42 24.21 21.61
C GLY A 292 -1.87 24.61 21.44
N ILE A 293 -2.27 25.79 21.91
CA ILE A 293 -3.65 26.21 21.72
C ILE A 293 -3.83 27.15 20.54
N ALA A 294 -2.73 27.51 19.87
CA ALA A 294 -2.84 28.46 18.76
C ALA A 294 -3.61 27.93 17.53
N PRO A 295 -3.52 26.63 17.20
CA PRO A 295 -4.37 26.11 16.10
C PRO A 295 -5.87 26.38 16.30
N ALA A 296 -6.35 26.31 17.54
CA ALA A 296 -7.75 26.57 17.83
C ALA A 296 -8.14 28.02 17.57
N SER A 297 -7.17 28.93 17.50
CA SER A 297 -7.44 30.31 17.11
C SER A 297 -7.28 30.54 15.61
N VAL A 298 -6.31 29.88 14.97
CA VAL A 298 -6.14 30.15 13.56
C VAL A 298 -7.28 29.51 12.75
N ILE A 299 -7.84 28.41 13.24
CA ILE A 299 -8.87 27.73 12.47
C ILE A 299 -10.11 28.62 12.25
N PRO A 300 -10.69 29.21 13.32
CA PRO A 300 -11.81 30.12 13.05
C PRO A 300 -11.43 31.29 12.15
N LYS A 301 -10.18 31.74 12.24
CA LYS A 301 -9.72 32.85 11.40
C LYS A 301 -9.77 32.46 9.91
N VAL A 302 -9.24 31.31 9.55
CA VAL A 302 -9.22 30.96 8.14
C VAL A 302 -10.61 30.49 7.66
N LEU A 303 -11.41 29.87 8.53
CA LEU A 303 -12.82 29.60 8.16
C LEU A 303 -13.56 30.88 7.77
N LYS A 304 -13.42 31.92 8.59
CA LYS A 304 -14.07 33.21 8.29
C LYS A 304 -13.56 33.76 6.95
N LEU A 305 -12.25 33.70 6.72
CA LEU A 305 -11.71 34.17 5.44
C LEU A 305 -12.28 33.41 4.25
N ALA A 306 -12.57 32.13 4.44
CA ALA A 306 -13.09 31.29 3.37
C ALA A 306 -14.62 31.35 3.30
N GLY A 307 -15.26 32.02 4.25
CA GLY A 307 -16.71 32.04 4.36
C GLY A 307 -17.29 30.67 4.67
N LEU A 308 -16.58 29.89 5.48
CA LEU A 308 -17.00 28.54 5.82
C LEU A 308 -17.21 28.36 7.31
N GLN A 309 -17.88 27.26 7.63
CA GLN A 309 -18.07 26.82 9.00
C GLN A 309 -17.34 25.49 9.19
N ILE A 310 -17.15 25.11 10.46
CA ILE A 310 -16.54 23.85 10.80
C ILE A 310 -17.17 22.68 10.05
N LYS A 311 -18.51 22.66 9.92
CA LYS A 311 -19.17 21.54 9.25
C LYS A 311 -18.82 21.41 7.76
N ASP A 312 -18.30 22.47 7.15
CA ASP A 312 -17.96 22.48 5.74
C ASP A 312 -16.62 21.78 5.43
N ILE A 313 -15.84 21.49 6.46
CA ILE A 313 -14.55 20.84 6.28
C ILE A 313 -14.68 19.32 6.32
N ASP A 314 -14.22 18.69 5.27
CA ASP A 314 -14.27 17.24 5.16
C ASP A 314 -13.12 16.53 5.86
N LEU A 315 -11.93 17.12 5.80
CA LEU A 315 -10.75 16.56 6.45
C LEU A 315 -9.94 17.67 7.11
N TRP A 316 -9.48 17.38 8.31
CA TRP A 316 -8.58 18.22 9.08
C TRP A 316 -7.21 17.58 9.18
N GLU A 317 -6.18 18.39 8.99
CA GLU A 317 -4.80 18.03 9.29
C GLU A 317 -4.33 19.01 10.37
N ILE A 318 -4.33 18.56 11.62
CA ILE A 318 -3.91 19.37 12.74
C ILE A 318 -2.60 18.76 13.20
N ASN A 319 -1.49 19.43 12.91
CA ASN A 319 -0.20 18.79 13.06
C ASN A 319 -0.01 18.26 14.48
N GLU A 320 0.42 17.01 14.55
CA GLU A 320 0.56 16.31 15.81
C GLU A 320 1.91 16.60 16.48
N ALA A 321 2.17 17.86 16.81
CA ALA A 321 3.44 18.18 17.49
C ALA A 321 3.56 17.32 18.73
N PHE A 322 2.42 17.20 19.43
CA PHE A 322 2.20 16.36 20.61
C PHE A 322 0.77 15.91 20.53
N ALA A 323 0.42 14.76 21.09
CA ALA A 323 -0.97 14.35 21.14
C ALA A 323 -1.84 15.45 21.77
N VAL A 324 -1.26 16.18 22.72
CA VAL A 324 -1.94 17.31 23.36
C VAL A 324 -2.61 18.25 22.34
N VAL A 325 -1.93 18.53 21.22
CA VAL A 325 -2.41 19.60 20.35
C VAL A 325 -3.69 19.24 19.59
N PRO A 326 -3.73 18.09 18.88
CA PRO A 326 -5.03 17.76 18.29
C PRO A 326 -6.11 17.51 19.33
N LEU A 327 -5.76 16.94 20.48
CA LEU A 327 -6.76 16.73 21.51
C LEU A 327 -7.37 18.05 21.97
N TYR A 328 -6.53 19.04 22.25
CA TYR A 328 -7.07 20.33 22.67
C TYR A 328 -7.94 20.95 21.57
N THR A 329 -7.43 20.90 20.35
CA THR A 329 -8.08 21.56 19.24
C THR A 329 -9.45 20.94 18.97
N MET A 330 -9.48 19.61 18.95
CA MET A 330 -10.72 18.90 18.64
C MET A 330 -11.77 19.19 19.71
N LYS A 331 -11.39 19.10 20.98
CA LYS A 331 -12.43 19.24 22.01
C LYS A 331 -12.89 20.69 22.14
N THR A 332 -11.97 21.63 21.98
CA THR A 332 -12.33 23.04 22.16
C THR A 332 -13.23 23.56 21.02
N LEU A 333 -12.99 23.06 19.81
CA LEU A 333 -13.77 23.48 18.63
C LEU A 333 -14.92 22.57 18.29
N GLY A 334 -14.98 21.40 18.93
CA GLY A 334 -16.05 20.45 18.66
C GLY A 334 -15.88 19.73 17.35
N LEU A 335 -14.64 19.35 17.02
CA LEU A 335 -14.36 18.63 15.79
C LEU A 335 -14.65 17.14 15.93
N ASP A 336 -15.09 16.55 14.83
CA ASP A 336 -15.28 15.13 14.72
C ASP A 336 -13.94 14.40 14.57
N GLU A 337 -13.53 13.62 15.56
CA GLU A 337 -12.23 12.93 15.51
C GLU A 337 -12.07 12.01 14.30
N SER A 338 -13.18 11.51 13.75
CA SER A 338 -13.09 10.64 12.61
C SER A 338 -12.71 11.39 11.33
N LYS A 339 -12.64 12.72 11.40
CA LYS A 339 -12.28 13.54 10.24
C LYS A 339 -10.95 14.27 10.47
N VAL A 340 -10.25 13.91 11.54
CA VAL A 340 -9.00 14.57 11.94
C VAL A 340 -7.80 13.64 11.85
N ASN A 341 -6.77 14.05 11.12
CA ASN A 341 -5.51 13.31 10.99
C ASN A 341 -5.77 11.84 10.69
N ILE A 342 -6.57 11.60 9.67
CA ILE A 342 -7.13 10.26 9.50
C ILE A 342 -6.10 9.25 8.96
N HIS A 343 -4.97 9.73 8.45
CA HIS A 343 -3.89 8.87 7.96
C HIS A 343 -2.64 9.01 8.82
N GLY A 344 -2.84 9.37 10.09
CA GLY A 344 -1.74 9.54 11.02
C GLY A 344 -1.20 10.95 10.98
N GLY A 345 -0.05 11.15 11.60
CA GLY A 345 0.53 12.47 11.69
C GLY A 345 1.82 12.40 12.47
N ALA A 346 2.31 13.57 12.86
CA ALA A 346 3.68 13.69 13.35
C ALA A 346 4.03 12.90 14.61
N VAL A 347 3.03 12.47 15.40
CA VAL A 347 3.35 11.65 16.58
C VAL A 347 3.90 10.29 16.17
N SER A 348 3.41 9.77 15.06
CA SER A 348 3.84 8.47 14.54
C SER A 348 4.69 8.54 13.27
N LEU A 349 4.55 9.62 12.50
CA LEU A 349 5.33 9.76 11.25
C LEU A 349 6.57 10.62 11.47
N GLY A 350 6.58 11.42 12.54
CA GLY A 350 7.69 12.29 12.83
C GLY A 350 7.49 13.74 12.38
N HIS A 351 8.39 14.61 12.84
CA HIS A 351 8.22 16.05 12.66
C HIS A 351 9.55 16.70 12.25
N PRO A 352 9.95 16.50 10.96
CA PRO A 352 11.05 17.35 10.46
C PRO A 352 10.54 18.78 10.40
N ILE A 353 11.05 19.66 11.27
CA ILE A 353 10.33 20.89 11.59
C ILE A 353 9.89 21.68 10.35
N GLY A 354 10.82 21.97 9.45
CA GLY A 354 10.47 22.79 8.31
C GLY A 354 9.57 22.11 7.28
N MET A 355 9.54 20.78 7.30
CA MET A 355 8.74 19.99 6.36
C MET A 355 7.27 19.95 6.67
N SER A 356 6.92 19.77 7.94
CA SER A 356 5.58 19.29 8.26
C SER A 356 4.44 20.15 7.74
N GLY A 357 4.58 21.48 7.74
CA GLY A 357 3.51 22.34 7.27
C GLY A 357 3.21 22.13 5.79
N ALA A 358 4.25 21.84 5.01
CA ALA A 358 4.09 21.54 3.60
C ALA A 358 3.56 20.13 3.40
N ARG A 359 4.02 19.18 4.20
CA ARG A 359 3.55 17.81 4.08
C ARG A 359 2.03 17.74 4.23
N ILE A 360 1.49 18.38 5.25
CA ILE A 360 0.08 18.17 5.55
C ILE A 360 -0.79 18.84 4.49
N VAL A 361 -0.34 19.95 3.90
CA VAL A 361 -1.07 20.57 2.82
C VAL A 361 -1.01 19.69 1.56
N GLY A 362 0.18 19.21 1.19
CA GLY A 362 0.30 18.33 0.04
C GLY A 362 -0.49 17.05 0.21
N HIS A 363 -0.62 16.57 1.44
CA HIS A 363 -1.40 15.35 1.69
C HIS A 363 -2.85 15.62 1.36
N LEU A 364 -3.38 16.74 1.81
CA LEU A 364 -4.76 17.10 1.47
C LEU A 364 -4.95 17.26 -0.03
N VAL A 365 -3.97 17.86 -0.71
CA VAL A 365 -4.05 18.02 -2.16
C VAL A 365 -4.29 16.69 -2.87
N HIS A 366 -3.63 15.64 -2.41
CA HIS A 366 -3.76 14.34 -3.02
C HIS A 366 -4.91 13.48 -2.48
N THR A 367 -5.23 13.59 -1.21
CA THR A 367 -6.13 12.60 -0.58
C THR A 367 -7.59 13.01 -0.52
N LEU A 368 -7.89 14.31 -0.57
CA LEU A 368 -9.28 14.76 -0.66
C LEU A 368 -9.93 14.22 -1.94
N LYS A 369 -11.22 13.91 -1.84
CA LYS A 369 -12.00 13.63 -3.03
C LYS A 369 -12.34 14.96 -3.72
N PRO A 370 -12.42 14.97 -5.07
CA PRO A 370 -12.81 16.21 -5.74
C PRO A 370 -14.08 16.79 -5.17
N GLY A 371 -14.03 18.09 -4.88
CA GLY A 371 -15.13 18.81 -4.28
C GLY A 371 -15.04 18.97 -2.77
N GLN A 372 -14.29 18.10 -2.12
CA GLN A 372 -14.10 18.19 -0.69
C GLN A 372 -13.16 19.32 -0.29
N LYS A 373 -13.31 19.77 0.94
CA LYS A 373 -12.54 20.88 1.48
C LYS A 373 -11.71 20.39 2.65
N GLY A 374 -10.46 20.82 2.70
CA GLY A 374 -9.54 20.38 3.75
C GLY A 374 -8.95 21.57 4.45
N CYS A 375 -8.77 21.45 5.76
CA CYS A 375 -8.14 22.51 6.56
C CYS A 375 -6.95 21.95 7.31
N ALA A 376 -5.81 22.64 7.12
CA ALA A 376 -4.55 22.30 7.79
C ALA A 376 -4.23 23.39 8.78
N ALA A 377 -3.78 23.00 9.98
CA ALA A 377 -3.43 23.95 11.03
C ALA A 377 -2.23 23.40 11.75
N ILE A 378 -1.19 24.22 11.90
CA ILE A 378 0.07 23.74 12.46
C ILE A 378 0.63 24.74 13.45
N CYS A 379 0.71 24.32 14.71
CA CYS A 379 1.30 25.13 15.76
C CYS A 379 2.80 25.26 15.52
N ASN A 380 3.40 26.32 16.05
CA ASN A 380 4.83 26.52 15.89
C ASN A 380 5.46 27.12 17.13
N GLY A 381 6.71 26.74 17.34
CA GLY A 381 7.51 27.28 18.42
C GLY A 381 7.47 28.78 18.36
N GLY A 382 7.32 29.40 19.52
CA GLY A 382 7.19 30.84 19.63
C GLY A 382 5.77 31.27 20.00
N GLY A 383 4.81 30.37 19.81
CA GLY A 383 3.42 30.64 20.14
C GLY A 383 2.46 30.74 18.97
N GLY A 384 2.96 30.59 17.74
CA GLY A 384 2.15 30.75 16.56
C GLY A 384 1.41 29.51 16.08
N ALA A 385 0.56 29.73 15.10
CA ALA A 385 0.03 28.66 14.28
C ALA A 385 -0.28 29.18 12.89
N GLY A 386 -0.01 28.36 11.89
CA GLY A 386 -0.46 28.63 10.53
C GLY A 386 -1.71 27.86 10.22
N GLY A 387 -2.53 28.41 9.33
CA GLY A 387 -3.74 27.75 8.88
C GLY A 387 -3.92 27.89 7.39
N MET A 388 -4.57 26.90 6.79
CA MET A 388 -4.79 26.90 5.35
C MET A 388 -5.98 26.01 5.03
N ILE A 389 -6.82 26.50 4.11
CA ILE A 389 -7.94 25.75 3.58
C ILE A 389 -7.87 25.67 2.07
N ILE A 390 -8.11 24.47 1.54
CA ILE A 390 -8.07 24.22 0.11
C ILE A 390 -9.32 23.43 -0.28
N GLU A 391 -9.63 23.51 -1.56
CA GLU A 391 -10.72 22.74 -2.18
C GLU A 391 -10.15 21.85 -3.26
N LYS A 392 -10.42 20.56 -3.15
CA LYS A 392 -9.96 19.60 -4.12
C LYS A 392 -10.73 19.75 -5.43
N LEU A 393 -10.00 19.63 -6.55
CA LEU A 393 -10.61 19.79 -7.87
C LEU A 393 -10.53 18.48 -8.65
N ARG B 5 -32.21 -19.66 -15.34
CA ARG B 5 -31.42 -18.45 -15.17
C ARG B 5 -30.34 -18.30 -16.23
N PRO B 6 -30.11 -17.07 -16.69
CA PRO B 6 -28.87 -16.84 -17.44
C PRO B 6 -27.65 -16.84 -16.52
N ILE B 7 -26.47 -17.06 -17.10
CA ILE B 7 -25.25 -17.12 -16.33
C ILE B 7 -24.97 -15.80 -15.63
N THR B 8 -25.43 -14.70 -16.24
CA THR B 8 -25.21 -13.36 -15.71
C THR B 8 -25.99 -13.06 -14.41
N ASP B 9 -26.88 -13.98 -14.03
CA ASP B 9 -27.59 -13.90 -12.75
C ASP B 9 -26.68 -14.30 -11.60
N VAL B 10 -25.56 -14.97 -11.91
CA VAL B 10 -24.62 -15.38 -10.89
C VAL B 10 -23.69 -14.24 -10.55
N VAL B 11 -23.67 -13.85 -9.29
CA VAL B 11 -22.88 -12.72 -8.85
C VAL B 11 -21.97 -13.08 -7.69
N PHE B 12 -20.82 -12.44 -7.69
CA PHE B 12 -19.89 -12.49 -6.60
C PHE B 12 -20.21 -11.37 -5.63
N VAL B 13 -20.38 -11.68 -4.35
CA VAL B 13 -20.64 -10.63 -3.35
C VAL B 13 -19.49 -10.43 -2.37
N GLY B 14 -18.49 -11.32 -2.37
CA GLY B 14 -17.33 -11.13 -1.54
C GLY B 14 -16.18 -11.98 -2.02
N ALA B 15 -14.97 -11.55 -1.69
CA ALA B 15 -13.75 -12.30 -2.00
C ALA B 15 -12.67 -11.92 -1.01
N ALA B 16 -11.89 -12.90 -0.57
CA ALA B 16 -10.75 -12.64 0.29
C ALA B 16 -9.71 -13.73 0.15
N ARG B 17 -8.50 -13.45 0.60
CA ARG B 17 -7.45 -14.45 0.61
C ARG B 17 -6.46 -14.19 1.72
N THR B 18 -5.80 -15.26 2.15
CA THR B 18 -4.60 -15.13 2.96
C THR B 18 -3.47 -14.50 2.13
N PRO B 19 -2.47 -13.91 2.80
CA PRO B 19 -1.19 -13.74 2.10
C PRO B 19 -0.67 -15.11 1.65
N ILE B 20 0.19 -15.13 0.64
CA ILE B 20 0.85 -16.35 0.27
C ILE B 20 2.17 -16.45 0.99
N GLY B 21 2.32 -17.49 1.79
CA GLY B 21 3.56 -17.76 2.48
C GLY B 21 4.56 -18.53 1.63
N SER B 22 5.85 -18.34 1.93
CA SER B 22 6.89 -19.09 1.23
C SER B 22 7.10 -20.45 1.92
N PHE B 23 7.69 -21.36 1.18
CA PHE B 23 7.83 -22.76 1.61
C PHE B 23 8.53 -22.88 2.94
N ARG B 24 7.85 -23.51 3.89
CA ARG B 24 8.37 -23.77 5.23
C ARG B 24 8.76 -22.50 5.95
N SER B 25 8.08 -21.40 5.63
CA SER B 25 8.38 -20.10 6.24
C SER B 25 7.18 -19.54 7.02
N ALA B 26 6.49 -18.52 6.51
CA ALA B 26 5.50 -17.81 7.33
C ALA B 26 4.42 -18.74 7.89
N PHE B 27 3.94 -19.66 7.06
CA PHE B 27 2.91 -20.59 7.48
C PHE B 27 3.44 -22.03 7.64
N ASN B 28 4.71 -22.17 7.98
CA ASN B 28 5.26 -23.46 8.32
C ASN B 28 4.42 -24.10 9.43
N ASN B 29 4.12 -25.37 9.26
CA ASN B 29 3.34 -26.13 10.25
C ASN B 29 1.90 -25.61 10.49
N VAL B 30 1.41 -24.68 9.66
CA VAL B 30 0.02 -24.22 9.72
C VAL B 30 -0.82 -25.05 8.73
N PRO B 31 -1.73 -25.88 9.23
CA PRO B 31 -2.48 -26.73 8.29
C PRO B 31 -3.31 -25.95 7.29
N VAL B 32 -3.54 -26.59 6.14
CA VAL B 32 -4.29 -25.96 5.07
C VAL B 32 -5.68 -25.52 5.53
N THR B 33 -6.23 -26.28 6.48
CA THR B 33 -7.57 -26.02 6.97
C THR B 33 -7.64 -24.69 7.73
N VAL B 34 -6.54 -24.31 8.38
CA VAL B 34 -6.50 -23.01 9.06
C VAL B 34 -6.48 -21.88 8.02
N LEU B 35 -5.67 -22.03 6.98
CA LEU B 35 -5.62 -21.04 5.94
C LEU B 35 -6.97 -20.87 5.26
N GLY B 36 -7.59 -21.99 4.92
CA GLY B 36 -8.91 -21.94 4.30
C GLY B 36 -9.93 -21.30 5.22
N ARG B 37 -9.92 -21.68 6.49
CA ARG B 37 -10.85 -21.09 7.47
C ARG B 37 -10.75 -19.57 7.48
N GLU B 38 -9.53 -19.05 7.59
CA GLU B 38 -9.38 -17.60 7.68
C GLU B 38 -9.77 -16.90 6.37
N ALA B 39 -9.42 -17.48 5.22
CA ALA B 39 -9.85 -16.89 3.95
C ALA B 39 -11.36 -16.90 3.83
N LEU B 40 -12.03 -17.97 4.29
CA LEU B 40 -13.48 -18.02 4.18
C LEU B 40 -14.16 -17.02 5.14
N LYS B 41 -13.70 -16.95 6.39
CA LYS B 41 -14.21 -15.93 7.30
C LYS B 41 -14.06 -14.55 6.69
N GLY B 42 -12.90 -14.29 6.10
CA GLY B 42 -12.64 -13.01 5.47
C GLY B 42 -13.57 -12.71 4.31
N ALA B 43 -13.85 -13.71 3.49
CA ALA B 43 -14.68 -13.50 2.33
C ALA B 43 -16.13 -13.22 2.75
N LEU B 44 -16.59 -13.95 3.75
CA LEU B 44 -17.93 -13.76 4.28
C LEU B 44 -18.07 -12.37 4.88
N LYS B 45 -17.06 -11.92 5.63
CA LYS B 45 -17.08 -10.55 6.17
C LYS B 45 -17.09 -9.52 5.05
N ASN B 46 -16.24 -9.71 4.04
CA ASN B 46 -16.20 -8.85 2.87
C ASN B 46 -17.56 -8.74 2.20
N ALA B 47 -18.31 -9.84 2.16
CA ALA B 47 -19.64 -9.88 1.55
C ALA B 47 -20.75 -9.35 2.44
N ASN B 48 -20.44 -9.13 3.72
CA ASN B 48 -21.46 -8.86 4.75
C ASN B 48 -22.50 -9.97 4.80
N VAL B 49 -22.03 -11.21 4.69
CA VAL B 49 -22.90 -12.39 4.73
C VAL B 49 -22.61 -13.16 6.00
N LYS B 50 -23.59 -13.31 6.88
CA LYS B 50 -23.35 -14.07 8.09
C LYS B 50 -23.18 -15.54 7.67
N PRO B 51 -22.26 -16.23 8.34
CA PRO B 51 -21.93 -17.62 7.96
C PRO B 51 -23.14 -18.54 7.89
N SER B 52 -24.16 -18.30 8.72
CA SER B 52 -25.34 -19.17 8.74
C SER B 52 -26.20 -19.16 7.47
N LEU B 53 -25.93 -18.20 6.57
CA LEU B 53 -26.64 -18.12 5.31
C LEU B 53 -26.05 -19.04 4.23
N VAL B 54 -24.85 -19.54 4.46
CA VAL B 54 -24.16 -20.35 3.44
C VAL B 54 -24.80 -21.73 3.38
N GLN B 55 -25.23 -22.12 2.19
CA GLN B 55 -25.90 -23.40 1.97
C GLN B 55 -24.98 -24.47 1.43
N GLU B 56 -23.94 -24.07 0.70
CA GLU B 56 -23.08 -25.07 0.04
C GLU B 56 -21.74 -24.46 -0.26
N ALA B 57 -20.72 -25.31 -0.31
CA ALA B 57 -19.34 -24.89 -0.56
C ALA B 57 -18.65 -25.88 -1.48
N PHE B 58 -17.83 -25.35 -2.39
CA PHE B 58 -16.86 -26.14 -3.19
C PHE B 58 -15.47 -25.58 -2.94
N ILE B 59 -14.53 -26.39 -2.48
CA ILE B 59 -13.19 -25.91 -2.20
C ILE B 59 -12.14 -26.78 -2.88
N GLY B 60 -11.29 -26.15 -3.66
CA GLY B 60 -10.18 -26.83 -4.31
C GLY B 60 -9.01 -27.09 -3.39
N VAL B 61 -8.45 -28.30 -3.45
CA VAL B 61 -7.21 -28.60 -2.73
C VAL B 61 -6.63 -29.85 -3.37
N VAL B 62 -5.34 -29.82 -3.69
CA VAL B 62 -4.74 -30.84 -4.54
C VAL B 62 -4.04 -31.96 -3.76
N VAL B 63 -3.28 -31.61 -2.73
CA VAL B 63 -2.56 -32.62 -1.93
C VAL B 63 -2.86 -32.43 -0.45
N PRO B 64 -4.07 -32.86 -0.02
CA PRO B 64 -4.48 -32.68 1.37
C PRO B 64 -4.07 -33.84 2.28
N SER B 65 -3.15 -34.68 1.84
CA SER B 65 -2.72 -35.82 2.63
C SER B 65 -2.34 -35.42 4.05
N ASN B 66 -2.89 -36.18 5.01
CA ASN B 66 -2.67 -35.99 6.45
C ASN B 66 -3.29 -34.73 7.03
N ALA B 67 -4.16 -34.05 6.29
CA ALA B 67 -4.92 -32.93 6.85
C ALA B 67 -6.22 -33.37 7.52
N GLY B 68 -6.45 -34.68 7.55
CA GLY B 68 -7.61 -35.23 8.24
C GLY B 68 -8.82 -35.37 7.33
N GLN B 69 -9.88 -35.94 7.87
CA GLN B 69 -11.08 -36.22 7.07
C GLN B 69 -11.73 -34.93 6.60
N GLY B 70 -12.01 -34.83 5.31
CA GLY B 70 -12.79 -33.72 4.79
C GLY B 70 -12.30 -32.33 5.14
N PRO B 71 -11.08 -32.00 4.70
CA PRO B 71 -10.55 -30.67 5.01
C PRO B 71 -11.44 -29.53 4.51
N ALA B 72 -12.15 -29.71 3.40
CA ALA B 72 -13.08 -28.67 2.97
C ALA B 72 -14.21 -28.48 3.98
N ARG B 73 -14.68 -29.56 4.57
CA ARG B 73 -15.74 -29.48 5.59
C ARG B 73 -15.15 -28.82 6.85
N GLN B 74 -13.91 -29.13 7.18
CA GLN B 74 -13.24 -28.52 8.33
C GLN B 74 -13.19 -27.01 8.18
N VAL B 75 -12.86 -26.55 6.98
CA VAL B 75 -12.81 -25.11 6.70
C VAL B 75 -14.18 -24.45 6.89
N VAL B 76 -15.21 -25.06 6.33
CA VAL B 76 -16.56 -24.51 6.38
C VAL B 76 -17.09 -24.44 7.82
N LEU B 77 -16.94 -25.52 8.57
CA LEU B 77 -17.36 -25.52 9.98
C LEU B 77 -16.46 -24.59 10.82
N GLY B 78 -15.16 -24.59 10.55
CA GLY B 78 -14.24 -23.67 11.23
C GLY B 78 -14.60 -22.21 11.07
N ALA B 79 -15.16 -21.85 9.91
CA ALA B 79 -15.51 -20.46 9.58
C ALA B 79 -16.83 -20.05 10.23
N GLY B 80 -17.47 -20.99 10.92
CA GLY B 80 -18.72 -20.70 11.60
C GLY B 80 -20.00 -21.02 10.82
N CYS B 81 -19.87 -21.66 9.65
CA CYS B 81 -21.05 -22.06 8.90
C CYS B 81 -21.81 -23.16 9.65
N ASP B 82 -23.09 -23.28 9.35
CA ASP B 82 -23.95 -24.25 10.03
C ASP B 82 -23.58 -25.67 9.60
N VAL B 83 -23.80 -26.63 10.48
CA VAL B 83 -23.57 -28.02 10.11
C VAL B 83 -24.48 -28.50 8.97
N SER B 84 -25.55 -27.77 8.68
CA SER B 84 -26.39 -28.08 7.51
C SER B 84 -25.74 -27.76 6.16
N THR B 85 -24.57 -27.12 6.17
CA THR B 85 -23.93 -26.70 4.93
C THR B 85 -23.41 -27.91 4.17
N VAL B 86 -23.71 -27.94 2.86
CA VAL B 86 -23.23 -28.99 1.95
C VAL B 86 -21.81 -28.64 1.52
N VAL B 87 -20.89 -29.60 1.60
CA VAL B 87 -19.49 -29.32 1.26
C VAL B 87 -18.86 -30.40 0.38
N THR B 88 -18.09 -29.96 -0.62
CA THR B 88 -17.35 -30.82 -1.53
C THR B 88 -15.99 -30.22 -1.80
N ALA B 89 -14.97 -31.08 -1.86
CA ALA B 89 -13.65 -30.68 -2.33
C ALA B 89 -13.45 -31.07 -3.77
N VAL B 90 -12.69 -30.27 -4.51
CA VAL B 90 -12.39 -30.63 -5.88
C VAL B 90 -10.90 -30.56 -6.11
N ASN B 91 -10.47 -31.44 -7.00
CA ASN B 91 -9.07 -31.47 -7.43
C ASN B 91 -9.00 -31.50 -8.96
N LYS B 92 -8.64 -30.36 -9.53
CA LYS B 92 -8.26 -30.26 -10.94
C LYS B 92 -6.85 -29.69 -10.98
N MET B 93 -6.01 -30.22 -10.11
CA MET B 93 -4.61 -29.77 -10.00
C MET B 93 -4.60 -28.25 -9.87
N CYS B 94 -3.75 -27.59 -10.65
CA CYS B 94 -3.59 -26.15 -10.54
C CYS B 94 -4.85 -25.34 -10.83
N ALA B 95 -5.83 -25.94 -11.50
CA ALA B 95 -7.08 -25.23 -11.79
C ALA B 95 -8.12 -25.41 -10.69
N SER B 96 -7.79 -26.14 -9.64
CA SER B 96 -8.81 -26.53 -8.63
C SER B 96 -9.62 -25.35 -8.07
N GLY B 97 -8.95 -24.26 -7.71
CA GLY B 97 -9.66 -23.14 -7.09
C GLY B 97 -10.60 -22.44 -8.06
N MET B 98 -10.30 -22.50 -9.36
CA MET B 98 -11.21 -21.96 -10.38
C MET B 98 -12.36 -22.91 -10.66
N LYS B 99 -12.07 -24.20 -10.77
CA LYS B 99 -13.11 -25.17 -11.07
C LYS B 99 -14.12 -25.22 -9.92
N ALA B 100 -13.66 -24.99 -8.70
CA ALA B 100 -14.59 -24.94 -7.55
C ALA B 100 -15.62 -23.82 -7.73
N ILE B 101 -15.14 -22.67 -8.17
CA ILE B 101 -15.99 -21.53 -8.43
C ILE B 101 -16.97 -21.86 -9.55
N ALA B 102 -16.51 -22.54 -10.61
CA ALA B 102 -17.39 -22.93 -11.71
C ALA B 102 -18.51 -23.86 -11.22
N CYS B 103 -18.18 -24.84 -10.37
CA CYS B 103 -19.15 -25.80 -9.87
C CYS B 103 -20.21 -25.06 -9.04
N ALA B 104 -19.77 -24.12 -8.22
CA ALA B 104 -20.69 -23.27 -7.45
C ALA B 104 -21.61 -22.49 -8.37
N ALA B 105 -21.06 -21.91 -9.43
CA ALA B 105 -21.86 -21.16 -10.37
C ALA B 105 -22.91 -22.02 -11.06
N SER B 106 -22.57 -23.26 -11.38
CA SER B 106 -23.51 -24.14 -12.07
C SER B 106 -24.72 -24.39 -11.18
N ILE B 107 -24.52 -24.69 -9.90
CA ILE B 107 -25.68 -25.01 -9.08
C ILE B 107 -26.52 -23.75 -8.78
N LEU B 108 -25.90 -22.57 -8.75
CA LEU B 108 -26.67 -21.32 -8.62
C LEU B 108 -27.51 -21.09 -9.87
N GLN B 109 -26.93 -21.31 -11.04
CA GLN B 109 -27.68 -21.05 -12.28
C GLN B 109 -28.87 -22.00 -12.39
N LEU B 110 -28.75 -23.19 -11.81
CA LEU B 110 -29.83 -24.18 -11.84
C LEU B 110 -30.81 -23.99 -10.67
N ASP B 111 -30.58 -22.96 -9.85
CA ASP B 111 -31.41 -22.66 -8.68
C ASP B 111 -31.50 -23.83 -7.70
N LEU B 112 -30.41 -24.58 -7.58
CA LEU B 112 -30.34 -25.66 -6.61
C LEU B 112 -29.89 -25.17 -5.23
N GLN B 113 -29.18 -24.04 -5.21
CA GLN B 113 -28.88 -23.30 -3.99
C GLN B 113 -29.00 -21.81 -4.31
N GLU B 114 -29.00 -20.99 -3.26
CA GLU B 114 -29.03 -19.53 -3.40
C GLU B 114 -27.74 -18.87 -2.93
N MET B 115 -27.09 -19.43 -1.91
CA MET B 115 -25.92 -18.82 -1.31
C MET B 115 -24.80 -19.86 -1.18
N VAL B 116 -23.72 -19.66 -1.92
CA VAL B 116 -22.67 -20.68 -2.03
C VAL B 116 -21.32 -20.02 -1.91
N VAL B 117 -20.38 -20.70 -1.26
CA VAL B 117 -19.02 -20.20 -1.22
C VAL B 117 -18.12 -21.17 -2.00
N ALA B 118 -17.02 -20.64 -2.52
CA ALA B 118 -16.11 -21.45 -3.30
C ALA B 118 -14.73 -20.87 -3.20
N GLY B 119 -13.74 -21.71 -3.40
CA GLY B 119 -12.38 -21.20 -3.41
C GLY B 119 -11.38 -22.31 -3.55
N GLY B 120 -10.16 -22.03 -3.09
CA GLY B 120 -9.09 -23.01 -3.15
C GLY B 120 -8.06 -22.74 -2.08
N MET B 121 -7.29 -23.77 -1.76
CA MET B 121 -6.35 -23.71 -0.67
C MET B 121 -5.25 -24.73 -0.88
N GLU B 122 -4.06 -24.46 -0.34
CA GLU B 122 -3.01 -25.45 -0.30
C GLU B 122 -2.01 -25.09 0.77
N SER B 123 -1.58 -26.08 1.55
CA SER B 123 -0.37 -25.94 2.36
C SER B 123 0.68 -26.88 1.86
N MET B 124 1.58 -26.39 1.02
CA MET B 124 2.63 -27.24 0.51
C MET B 124 3.65 -27.51 1.62
N SER B 125 3.80 -26.58 2.56
CA SER B 125 4.69 -26.81 3.71
C SER B 125 4.29 -28.02 4.54
N CYS B 126 2.99 -28.32 4.59
CA CYS B 126 2.49 -29.43 5.41
C CYS B 126 2.26 -30.74 4.64
N VAL B 127 2.61 -30.77 3.34
CA VAL B 127 2.48 -32.02 2.60
C VAL B 127 3.47 -33.05 3.18
N PRO B 128 2.98 -34.25 3.49
CA PRO B 128 3.86 -35.24 4.11
C PRO B 128 4.66 -36.08 3.13
N PHE B 129 5.46 -36.98 3.70
CA PHE B 129 6.07 -38.07 2.97
C PHE B 129 5.24 -39.34 3.11
N TYR B 130 5.37 -40.24 2.13
CA TYR B 130 4.59 -41.47 2.08
C TYR B 130 5.47 -42.72 2.20
N LEU B 131 4.95 -43.71 2.92
CA LEU B 131 5.49 -45.08 2.90
C LEU B 131 4.37 -46.00 2.50
N PRO B 132 4.57 -46.86 1.49
CA PRO B 132 3.45 -47.73 1.11
C PRO B 132 3.10 -48.75 2.18
N ARG B 133 1.83 -49.18 2.12
CA ARG B 133 1.31 -50.21 2.99
C ARG B 133 1.97 -51.55 2.62
N GLY B 134 2.09 -52.44 3.60
CA GLY B 134 2.63 -53.75 3.33
C GLY B 134 4.14 -53.89 3.54
N GLU B 135 4.64 -55.09 3.29
CA GLU B 135 6.05 -55.44 3.49
C GLU B 135 7.03 -54.38 2.92
N ILE B 136 7.79 -53.71 3.81
CA ILE B 136 8.97 -52.96 3.34
C ILE B 136 9.95 -53.96 2.75
N PRO B 137 10.29 -53.79 1.46
CA PRO B 137 11.10 -54.84 0.85
C PRO B 137 12.53 -54.92 1.41
N PHE B 138 13.05 -56.13 1.44
CA PHE B 138 14.45 -56.34 1.75
C PHE B 138 15.31 -55.40 0.92
N GLY B 139 16.24 -54.71 1.58
CA GLY B 139 17.08 -53.76 0.91
C GLY B 139 16.59 -52.32 1.04
N GLY B 140 15.38 -52.16 1.53
CA GLY B 140 14.84 -50.83 1.79
C GLY B 140 13.97 -50.31 0.68
N THR B 141 13.50 -49.10 0.86
CA THR B 141 12.59 -48.51 -0.12
C THR B 141 12.59 -47.00 0.06
N LYS B 142 11.98 -46.29 -0.88
CA LYS B 142 11.98 -44.84 -0.83
C LYS B 142 10.79 -44.29 -0.05
N LEU B 143 11.10 -43.33 0.80
CA LEU B 143 10.10 -42.46 1.38
C LEU B 143 9.80 -41.43 0.32
N ILE B 144 8.54 -41.38 -0.11
CA ILE B 144 8.10 -40.57 -1.25
C ILE B 144 7.65 -39.19 -0.80
N ASP B 145 8.10 -38.14 -1.48
CA ASP B 145 7.63 -36.78 -1.21
C ASP B 145 6.28 -36.51 -1.90
N GLY B 146 5.25 -36.22 -1.14
CA GLY B 146 3.92 -35.98 -1.69
C GLY B 146 3.85 -34.82 -2.66
N ILE B 147 4.78 -33.86 -2.56
CA ILE B 147 4.71 -32.69 -3.43
C ILE B 147 4.96 -33.07 -4.91
N PRO B 148 6.12 -33.66 -5.24
CA PRO B 148 6.24 -34.14 -6.63
C PRO B 148 5.29 -35.29 -6.93
N ARG B 149 5.09 -36.20 -5.99
CA ARG B 149 4.34 -37.40 -6.33
C ARG B 149 2.90 -37.08 -6.69
N ASP B 150 2.21 -36.33 -5.84
CA ASP B 150 0.78 -36.09 -6.09
C ASP B 150 0.52 -34.69 -6.64
N GLY B 151 1.51 -33.80 -6.60
CA GLY B 151 1.30 -32.41 -6.98
C GLY B 151 1.93 -31.96 -8.29
N LEU B 152 3.22 -32.26 -8.50
CA LEU B 152 3.97 -31.56 -9.53
C LEU B 152 4.75 -32.42 -10.52
N ASN B 153 4.80 -33.75 -10.36
CA ASN B 153 5.42 -34.62 -11.37
C ASN B 153 4.37 -35.14 -12.33
N ASP B 154 4.59 -34.92 -13.63
CA ASP B 154 3.71 -35.49 -14.62
C ASP B 154 3.84 -37.00 -14.66
N VAL B 155 2.73 -37.71 -14.50
CA VAL B 155 2.82 -39.18 -14.40
C VAL B 155 3.15 -39.86 -15.70
N TYR B 156 2.70 -39.30 -16.83
CA TYR B 156 2.81 -40.00 -18.11
C TYR B 156 4.22 -39.90 -18.66
N ASN B 157 4.81 -38.72 -18.52
CA ASN B 157 6.18 -38.48 -18.97
C ASN B 157 7.23 -38.70 -17.87
N ASP B 158 6.78 -38.81 -16.63
CA ASP B 158 7.63 -38.93 -15.46
C ASP B 158 8.71 -37.86 -15.44
N ILE B 159 8.27 -36.62 -15.70
CA ILE B 159 9.12 -35.45 -15.52
C ILE B 159 8.30 -34.36 -14.81
N LEU B 160 9.02 -33.46 -14.16
CA LEU B 160 8.38 -32.41 -13.39
C LEU B 160 7.69 -31.41 -14.33
N MET B 161 6.71 -30.69 -13.81
CA MET B 161 6.02 -29.69 -14.62
C MET B 161 7.03 -28.66 -15.20
N GLY B 162 8.07 -28.31 -14.46
CA GLY B 162 9.07 -27.40 -14.99
C GLY B 162 9.80 -27.93 -16.21
N ALA B 163 10.05 -29.25 -16.23
CA ALA B 163 10.66 -29.85 -17.41
C ALA B 163 9.70 -29.86 -18.60
N CYS B 164 8.39 -30.00 -18.33
CA CYS B 164 7.39 -29.87 -19.38
C CYS B 164 7.44 -28.46 -19.99
N ALA B 165 7.56 -27.46 -19.12
CA ALA B 165 7.65 -26.07 -19.56
C ALA B 165 8.90 -25.82 -20.39
N ASP B 166 10.03 -26.48 -20.05
CA ASP B 166 11.24 -26.39 -20.88
C ASP B 166 10.94 -26.87 -22.29
N LYS B 167 10.16 -27.95 -22.38
CA LYS B 167 9.84 -28.52 -23.69
C LYS B 167 9.01 -27.55 -24.52
N VAL B 168 7.99 -26.97 -23.91
CA VAL B 168 7.15 -26.00 -24.60
C VAL B 168 7.98 -24.78 -25.00
N ALA B 169 8.84 -24.31 -24.11
CA ALA B 169 9.66 -23.15 -24.40
C ALA B 169 10.53 -23.36 -25.63
N LYS B 170 11.21 -24.51 -25.71
CA LYS B 170 12.11 -24.75 -26.82
C LYS B 170 11.33 -24.90 -28.12
N GLN B 171 10.19 -25.57 -28.06
CA GLN B 171 9.37 -25.81 -29.25
C GLN B 171 8.93 -24.50 -29.91
N PHE B 172 8.64 -23.49 -29.09
CA PHE B 172 8.08 -22.23 -29.58
C PHE B 172 9.05 -21.05 -29.43
N ALA B 173 10.32 -21.36 -29.25
CA ALA B 173 11.38 -20.34 -29.25
C ALA B 173 11.10 -19.25 -28.22
N ILE B 174 10.70 -19.67 -27.03
CA ILE B 174 10.54 -18.77 -25.90
C ILE B 174 11.81 -18.86 -25.11
N THR B 175 12.65 -17.84 -25.23
CA THR B 175 14.02 -17.94 -24.75
C THR B 175 14.16 -17.74 -23.26
N ARG B 176 15.30 -18.17 -22.75
CA ARG B 176 15.71 -17.90 -21.38
C ARG B 176 15.61 -16.42 -21.09
N GLU B 177 16.08 -15.60 -22.02
CA GLU B 177 16.13 -14.16 -21.79
C GLU B 177 14.73 -13.56 -21.73
N GLU B 178 13.83 -14.05 -22.58
CA GLU B 178 12.44 -13.59 -22.56
C GLU B 178 11.76 -14.02 -21.24
N GLN B 179 12.02 -15.23 -20.80
CA GLN B 179 11.46 -15.72 -19.55
C GLN B 179 11.96 -14.90 -18.37
N ASP B 180 13.26 -14.60 -18.37
CA ASP B 180 13.81 -13.78 -17.29
C ASP B 180 13.28 -12.35 -17.29
N LYS B 181 13.11 -11.74 -18.46
CA LYS B 181 12.57 -10.40 -18.54
C LYS B 181 11.15 -10.41 -17.97
N TYR B 182 10.38 -11.43 -18.34
CA TYR B 182 9.01 -11.55 -17.85
C TYR B 182 9.02 -11.76 -16.33
N ALA B 183 9.90 -12.63 -15.85
CA ALA B 183 9.99 -12.88 -14.41
C ALA B 183 10.28 -11.59 -13.64
N ILE B 184 11.28 -10.85 -14.09
CA ILE B 184 11.63 -9.59 -13.44
C ILE B 184 10.42 -8.65 -13.43
N LEU B 185 9.71 -8.56 -14.55
CA LEU B 185 8.51 -7.74 -14.63
C LEU B 185 7.46 -8.19 -13.60
N SER B 186 7.27 -9.49 -13.47
CA SER B 186 6.34 -9.99 -12.46
C SER B 186 6.74 -9.56 -11.04
N TYR B 187 8.01 -9.75 -10.68
CA TYR B 187 8.48 -9.36 -9.34
C TYR B 187 8.29 -7.86 -9.12
N LYS B 188 8.60 -7.08 -10.15
CA LYS B 188 8.45 -5.63 -10.01
C LYS B 188 7.00 -5.23 -9.90
N ARG B 189 6.13 -5.88 -10.67
CA ARG B 189 4.70 -5.58 -10.64
C ARG B 189 4.08 -5.97 -9.31
N SER B 190 4.50 -7.10 -8.76
CA SER B 190 4.04 -7.51 -7.43
C SER B 190 4.43 -6.49 -6.37
N ALA B 191 5.69 -6.06 -6.38
CA ALA B 191 6.14 -5.10 -5.38
C ALA B 191 5.41 -3.78 -5.50
N ALA B 192 5.20 -3.31 -6.73
CA ALA B 192 4.51 -2.05 -6.97
C ALA B 192 3.06 -2.13 -6.53
N ALA B 193 2.40 -3.25 -6.83
CA ALA B 193 1.02 -3.41 -6.42
C ALA B 193 0.91 -3.43 -4.89
N TRP B 194 1.85 -4.09 -4.22
CA TRP B 194 1.82 -4.12 -2.77
C TRP B 194 1.96 -2.70 -2.25
N LYS B 195 2.90 -1.93 -2.79
CA LYS B 195 3.12 -0.55 -2.35
C LYS B 195 1.92 0.34 -2.59
N GLU B 196 1.21 0.14 -3.69
CA GLU B 196 0.12 1.00 -4.08
C GLU B 196 -1.22 0.64 -3.42
N GLY B 197 -1.20 -0.35 -2.52
CA GLY B 197 -2.40 -0.80 -1.83
C GLY B 197 -3.37 -1.66 -2.62
N ILE B 198 -2.92 -2.18 -3.76
CA ILE B 198 -3.77 -2.93 -4.69
C ILE B 198 -4.42 -4.16 -4.01
N PHE B 199 -3.71 -4.76 -3.09
CA PHE B 199 -4.14 -6.01 -2.45
C PHE B 199 -4.84 -5.76 -1.12
N ALA B 200 -4.99 -4.50 -0.72
CA ALA B 200 -5.58 -4.22 0.59
C ALA B 200 -7.00 -4.75 0.72
N LYS B 201 -7.78 -4.65 -0.35
CA LYS B 201 -9.17 -5.09 -0.30
C LYS B 201 -9.24 -6.62 -0.11
N GLU B 202 -8.41 -7.36 -0.84
CA GLU B 202 -8.60 -8.82 -0.87
C GLU B 202 -7.90 -9.57 0.27
N ILE B 203 -6.86 -8.97 0.85
CA ILE B 203 -6.06 -9.62 1.88
C ILE B 203 -6.71 -9.60 3.25
N ILE B 204 -6.66 -10.73 3.93
CA ILE B 204 -6.93 -10.75 5.35
C ILE B 204 -5.71 -11.31 6.09
N PRO B 205 -5.37 -10.73 7.24
CA PRO B 205 -4.16 -11.13 7.97
C PRO B 205 -4.37 -12.38 8.81
N LEU B 206 -3.28 -13.06 9.15
CA LEU B 206 -3.30 -14.21 10.04
C LEU B 206 -2.29 -14.04 11.16
N GLU B 207 -2.69 -14.44 12.37
CA GLU B 207 -1.75 -14.56 13.48
C GLU B 207 -1.16 -15.96 13.53
N VAL B 208 0.17 -16.04 13.57
CA VAL B 208 0.89 -17.30 13.62
C VAL B 208 1.87 -17.32 14.78
N THR B 209 2.04 -18.49 15.38
CA THR B 209 3.07 -18.69 16.39
C THR B 209 4.30 -19.34 15.75
N THR B 214 4.41 -14.96 18.49
CA THR B 214 3.16 -14.71 17.81
C THR B 214 3.26 -13.50 16.85
N ILE B 215 3.36 -13.79 15.55
CA ILE B 215 3.51 -12.77 14.52
C ILE B 215 2.25 -12.63 13.70
N THR B 216 2.07 -11.45 13.13
CA THR B 216 0.98 -11.22 12.19
C THR B 216 1.52 -11.33 10.77
N VAL B 217 0.94 -12.23 9.99
CA VAL B 217 1.31 -12.34 8.58
C VAL B 217 0.28 -11.57 7.76
N GLU B 218 0.70 -10.52 7.09
CA GLU B 218 -0.23 -9.62 6.40
C GLU B 218 0.17 -9.29 4.97
N GLU B 219 1.30 -9.86 4.52
CA GLU B 219 1.84 -9.55 3.22
C GLU B 219 2.40 -10.82 2.55
N ASP B 220 2.22 -10.93 1.23
CA ASP B 220 2.83 -12.01 0.46
C ASP B 220 4.33 -12.06 0.70
N GLU B 221 4.84 -13.24 1.02
CA GLU B 221 6.23 -13.42 1.41
C GLU B 221 7.20 -13.58 0.23
N GLU B 222 6.73 -14.07 -0.91
CA GLU B 222 7.65 -14.56 -1.93
C GLU B 222 8.32 -13.45 -2.72
N TYR B 223 7.65 -12.31 -2.92
CA TYR B 223 8.06 -11.40 -3.99
C TYR B 223 9.30 -10.60 -3.59
N LYS B 224 9.64 -10.63 -2.30
CA LYS B 224 10.89 -10.04 -1.81
C LYS B 224 12.10 -10.98 -1.90
N LYS B 225 11.85 -12.26 -2.18
CA LYS B 225 12.90 -13.27 -2.20
C LYS B 225 13.47 -13.36 -3.60
N VAL B 226 14.21 -12.34 -3.96
CA VAL B 226 14.71 -12.22 -5.31
C VAL B 226 15.94 -11.32 -5.31
N ASN B 227 16.83 -11.64 -6.24
CA ASN B 227 17.98 -10.80 -6.56
C ASN B 227 18.03 -10.65 -8.07
N PHE B 228 17.69 -9.47 -8.59
CA PHE B 228 17.57 -9.27 -10.02
C PHE B 228 18.90 -9.49 -10.73
N GLU B 229 19.99 -9.12 -10.06
CA GLU B 229 21.31 -9.26 -10.69
C GLU B 229 21.69 -10.72 -10.90
N LYS B 230 21.22 -11.61 -10.02
CA LYS B 230 21.51 -13.03 -10.10
C LYS B 230 20.64 -13.81 -11.09
N ILE B 231 19.50 -13.23 -11.47
CA ILE B 231 18.51 -13.97 -12.26
C ILE B 231 19.08 -14.51 -13.59
N PRO B 232 19.82 -13.67 -14.36
CA PRO B 232 20.46 -14.16 -15.58
C PRO B 232 21.62 -15.15 -15.35
N LYS B 233 22.06 -15.32 -14.10
CA LYS B 233 23.18 -16.20 -13.79
C LYS B 233 22.76 -17.57 -13.27
N LEU B 234 21.47 -17.74 -12.98
CA LEU B 234 21.00 -19.01 -12.45
C LEU B 234 21.16 -20.13 -13.46
N LYS B 235 21.38 -21.33 -12.95
CA LYS B 235 21.45 -22.52 -13.76
C LYS B 235 20.02 -23.00 -14.04
N PRO B 236 19.84 -23.73 -15.15
CA PRO B 236 18.52 -24.32 -15.40
C PRO B 236 18.09 -25.20 -14.23
N ALA B 237 16.80 -25.18 -13.89
CA ALA B 237 16.32 -25.87 -12.70
C ALA B 237 15.79 -27.27 -13.01
N PHE B 238 15.48 -27.56 -14.29
CA PHE B 238 14.74 -28.78 -14.60
C PHE B 238 15.40 -29.69 -15.61
N THR B 239 16.12 -29.13 -16.57
CA THR B 239 16.79 -29.95 -17.57
C THR B 239 18.15 -29.33 -17.86
N SER B 240 19.10 -30.15 -18.28
CA SER B 240 20.48 -29.68 -18.38
C SER B 240 20.62 -28.54 -19.40
N GLU B 241 19.89 -28.62 -20.50
CA GLU B 241 19.96 -27.55 -21.48
C GLU B 241 18.70 -26.69 -21.44
N GLY B 242 18.10 -26.59 -20.26
CA GLY B 242 16.82 -25.91 -20.12
C GLY B 242 16.92 -24.40 -20.04
N SER B 243 15.76 -23.77 -20.12
CA SER B 243 15.62 -22.33 -19.98
C SER B 243 14.87 -21.91 -18.71
N VAL B 244 14.13 -22.85 -18.11
CA VAL B 244 13.36 -22.54 -16.90
C VAL B 244 14.30 -22.62 -15.69
N THR B 245 14.21 -21.63 -14.82
CA THR B 245 15.03 -21.54 -13.60
C THR B 245 14.14 -21.36 -12.38
N ALA B 246 14.73 -21.42 -11.20
CA ALA B 246 13.98 -21.15 -9.98
C ALA B 246 13.35 -19.77 -10.03
N ALA B 247 14.04 -18.78 -10.60
CA ALA B 247 13.51 -17.42 -10.63
C ALA B 247 12.34 -17.25 -11.61
N ASN B 248 12.41 -17.90 -12.78
CA ASN B 248 11.37 -17.65 -13.78
C ASN B 248 10.28 -18.73 -13.76
N ALA B 249 10.33 -19.58 -12.74
CA ALA B 249 9.28 -20.56 -12.44
C ALA B 249 8.53 -20.16 -11.18
N SER B 250 7.30 -20.60 -11.08
CA SER B 250 6.62 -20.49 -9.80
C SER B 250 7.32 -21.32 -8.71
N THR B 251 7.00 -20.96 -7.47
CA THR B 251 7.58 -21.55 -6.29
C THR B 251 6.56 -22.40 -5.50
N LEU B 252 7.03 -23.08 -4.46
CA LEU B 252 6.19 -23.83 -3.52
C LEU B 252 5.70 -22.90 -2.44
N ASN B 253 4.38 -22.91 -2.17
CA ASN B 253 3.81 -21.91 -1.30
C ASN B 253 2.55 -22.38 -0.61
N ASP B 254 2.10 -21.57 0.35
CA ASP B 254 0.94 -21.86 1.22
C ASP B 254 -0.04 -20.70 1.12
N GLY B 255 -1.32 -20.98 0.98
CA GLY B 255 -2.34 -19.95 1.01
C GLY B 255 -3.72 -20.45 0.66
N ALA B 256 -4.71 -19.57 0.85
CA ALA B 256 -6.09 -19.88 0.53
C ALA B 256 -6.81 -18.64 0.06
N ALA B 257 -7.77 -18.85 -0.82
CA ALA B 257 -8.60 -17.77 -1.37
C ALA B 257 -10.01 -18.26 -1.50
N MET B 258 -10.96 -17.40 -1.14
CA MET B 258 -12.38 -17.75 -1.16
C MET B 258 -13.24 -16.64 -1.74
N VAL B 259 -14.37 -17.02 -2.32
CA VAL B 259 -15.38 -16.10 -2.78
C VAL B 259 -16.74 -16.50 -2.23
N VAL B 260 -17.63 -15.52 -2.19
CA VAL B 260 -19.01 -15.75 -1.79
C VAL B 260 -19.87 -15.40 -2.99
N MET B 261 -20.76 -16.31 -3.38
CA MET B 261 -21.54 -16.19 -4.60
C MET B 261 -23.03 -16.40 -4.33
N THR B 262 -23.86 -15.66 -5.06
CA THR B 262 -25.31 -15.81 -4.95
C THR B 262 -25.91 -15.46 -6.30
N THR B 263 -27.23 -15.35 -6.36
CA THR B 263 -27.93 -14.90 -7.55
C THR B 263 -28.31 -13.44 -7.35
N VAL B 264 -28.72 -12.78 -8.43
CA VAL B 264 -29.20 -11.40 -8.34
C VAL B 264 -30.36 -11.31 -7.36
N ASP B 265 -31.20 -12.34 -7.33
CA ASP B 265 -32.31 -12.36 -6.38
C ASP B 265 -31.85 -12.57 -4.96
N GLY B 266 -30.87 -13.45 -4.77
CA GLY B 266 -30.32 -13.68 -3.46
C GLY B 266 -29.69 -12.42 -2.90
N ALA B 267 -28.99 -11.69 -3.75
CA ALA B 267 -28.34 -10.47 -3.32
C ALA B 267 -29.39 -9.45 -2.85
N LYS B 268 -30.47 -9.35 -3.62
CA LYS B 268 -31.58 -8.44 -3.29
C LYS B 268 -32.22 -8.86 -1.99
N LYS B 269 -32.46 -10.16 -1.86
CA LYS B 269 -33.11 -10.70 -0.67
C LYS B 269 -32.36 -10.32 0.60
N HIS B 270 -31.03 -10.37 0.55
CA HIS B 270 -30.21 -10.20 1.75
C HIS B 270 -29.56 -8.81 1.85
N GLY B 271 -29.92 -7.91 0.94
CA GLY B 271 -29.42 -6.54 0.99
C GLY B 271 -27.93 -6.45 0.68
N LEU B 272 -27.47 -7.28 -0.24
CA LEU B 272 -26.04 -7.36 -0.57
C LEU B 272 -25.72 -6.60 -1.83
N LYS B 273 -24.48 -6.14 -1.95
CA LYS B 273 -24.03 -5.46 -3.16
C LYS B 273 -23.23 -6.39 -4.08
N PRO B 274 -23.79 -6.73 -5.24
CA PRO B 274 -22.99 -7.52 -6.18
C PRO B 274 -21.72 -6.77 -6.58
N LEU B 275 -20.59 -7.47 -6.53
CA LEU B 275 -19.30 -6.90 -6.93
C LEU B 275 -18.99 -7.16 -8.39
N ALA B 276 -19.46 -8.30 -8.88
CA ALA B 276 -19.14 -8.75 -10.22
C ALA B 276 -20.12 -9.84 -10.62
N ARG B 277 -20.29 -10.03 -11.92
CA ARG B 277 -21.14 -11.10 -12.40
C ARG B 277 -20.37 -12.01 -13.35
N MET B 278 -20.80 -13.27 -13.37
CA MET B 278 -20.26 -14.26 -14.27
C MET B 278 -20.68 -14.06 -15.71
N LEU B 279 -19.72 -14.07 -16.63
CA LEU B 279 -20.03 -14.13 -18.05
C LEU B 279 -19.80 -15.48 -18.73
N ALA B 280 -18.79 -16.23 -18.29
CA ALA B 280 -18.49 -17.52 -18.87
C ALA B 280 -17.47 -18.27 -18.04
N TYR B 281 -17.54 -19.59 -18.13
CA TYR B 281 -16.50 -20.45 -17.57
C TYR B 281 -16.43 -21.73 -18.36
N GLY B 282 -15.28 -22.39 -18.28
CA GLY B 282 -15.09 -23.65 -18.96
C GLY B 282 -13.66 -24.15 -18.83
N ASP B 283 -13.33 -25.15 -19.63
CA ASP B 283 -12.04 -25.82 -19.56
C ASP B 283 -11.66 -26.34 -20.93
N ALA B 284 -10.36 -26.48 -21.14
CA ALA B 284 -9.84 -27.15 -22.34
C ALA B 284 -8.67 -28.02 -21.87
N ALA B 285 -8.21 -28.91 -22.75
CA ALA B 285 -7.08 -29.75 -22.41
C ALA B 285 -6.36 -30.22 -23.65
N THR B 286 -5.09 -30.54 -23.45
CA THR B 286 -4.27 -31.15 -24.48
C THR B 286 -3.30 -32.15 -23.86
N HIS B 287 -2.30 -32.60 -24.61
CA HIS B 287 -1.35 -33.56 -24.09
C HIS B 287 -0.74 -33.10 -22.77
N PRO B 288 -0.62 -34.01 -21.80
CA PRO B 288 -0.08 -33.63 -20.50
C PRO B 288 1.18 -32.77 -20.53
N ILE B 289 2.18 -33.10 -21.34
CA ILE B 289 3.43 -32.34 -21.37
C ILE B 289 3.19 -30.90 -21.87
N ASP B 290 2.08 -30.70 -22.57
CA ASP B 290 1.79 -29.41 -23.19
C ASP B 290 0.78 -28.59 -22.39
N PHE B 291 0.66 -28.81 -21.09
CA PHE B 291 -0.29 -28.00 -20.31
C PHE B 291 -0.06 -26.50 -20.50
N GLY B 292 1.18 -26.10 -20.79
CA GLY B 292 1.51 -24.70 -20.92
C GLY B 292 0.81 -24.02 -22.08
N ILE B 293 0.36 -24.77 -23.08
CA ILE B 293 -0.37 -24.17 -24.21
C ILE B 293 -1.88 -24.27 -24.06
N ALA B 294 -2.35 -24.92 -23.00
CA ALA B 294 -3.78 -25.11 -22.81
C ALA B 294 -4.55 -23.79 -22.53
N PRO B 295 -3.95 -22.82 -21.82
CA PRO B 295 -4.69 -21.55 -21.69
C PRO B 295 -5.03 -20.89 -23.03
N ALA B 296 -4.16 -21.02 -24.02
CA ALA B 296 -4.42 -20.44 -25.34
C ALA B 296 -5.60 -21.11 -26.05
N SER B 297 -5.99 -22.30 -25.59
CA SER B 297 -7.19 -22.97 -26.11
C SER B 297 -8.44 -22.66 -25.29
N VAL B 298 -8.31 -22.56 -23.97
CA VAL B 298 -9.51 -22.30 -23.18
C VAL B 298 -9.98 -20.86 -23.36
N ILE B 299 -9.07 -19.94 -23.65
CA ILE B 299 -9.47 -18.54 -23.73
C ILE B 299 -10.45 -18.32 -24.90
N PRO B 300 -10.14 -18.82 -26.11
CA PRO B 300 -11.15 -18.66 -27.17
C PRO B 300 -12.47 -19.35 -26.86
N LYS B 301 -12.41 -20.47 -26.14
CA LYS B 301 -13.61 -21.18 -25.76
C LYS B 301 -14.51 -20.33 -24.86
N VAL B 302 -13.96 -19.73 -23.81
CA VAL B 302 -14.81 -18.98 -22.91
C VAL B 302 -15.18 -17.64 -23.56
N LEU B 303 -14.35 -17.08 -24.43
CA LEU B 303 -14.76 -15.87 -25.12
C LEU B 303 -16.00 -16.16 -25.97
N LYS B 304 -16.00 -17.29 -26.67
CA LYS B 304 -17.13 -17.67 -27.51
C LYS B 304 -18.38 -17.89 -26.66
N LEU B 305 -18.22 -18.55 -25.52
CA LEU B 305 -19.35 -18.74 -24.61
C LEU B 305 -19.96 -17.42 -24.16
N ALA B 306 -19.14 -16.38 -24.03
CA ALA B 306 -19.61 -15.08 -23.57
C ALA B 306 -20.02 -14.18 -24.73
N GLY B 307 -19.81 -14.62 -25.96
CA GLY B 307 -20.07 -13.78 -27.14
C GLY B 307 -19.13 -12.60 -27.25
N LEU B 308 -17.88 -12.79 -26.83
CA LEU B 308 -16.89 -11.73 -26.78
C LEU B 308 -15.69 -12.03 -27.66
N GLN B 309 -14.88 -11.00 -27.89
CA GLN B 309 -13.62 -11.12 -28.59
C GLN B 309 -12.49 -10.69 -27.65
N ILE B 310 -11.25 -10.98 -28.04
CA ILE B 310 -10.08 -10.61 -27.25
C ILE B 310 -10.07 -9.13 -26.87
N LYS B 311 -10.46 -8.27 -27.81
CA LYS B 311 -10.45 -6.83 -27.58
C LYS B 311 -11.41 -6.39 -26.46
N ASP B 312 -12.38 -7.24 -26.13
CA ASP B 312 -13.40 -6.91 -25.14
C ASP B 312 -12.91 -7.09 -23.71
N ILE B 313 -11.75 -7.72 -23.55
CA ILE B 313 -11.24 -7.99 -22.21
C ILE B 313 -10.30 -6.88 -21.76
N ASP B 314 -10.56 -6.33 -20.58
CA ASP B 314 -9.75 -5.25 -20.06
C ASP B 314 -8.52 -5.71 -19.29
N LEU B 315 -8.65 -6.82 -18.56
CA LEU B 315 -7.54 -7.39 -17.79
C LEU B 315 -7.54 -8.89 -17.91
N TRP B 316 -6.34 -9.44 -18.06
CA TRP B 316 -6.09 -10.88 -18.13
C TRP B 316 -5.30 -11.31 -16.90
N GLU B 317 -5.74 -12.42 -16.30
CA GLU B 317 -4.97 -13.14 -15.31
C GLU B 317 -4.66 -14.49 -15.91
N ILE B 318 -3.44 -14.65 -16.40
CA ILE B 318 -3.01 -15.91 -16.98
C ILE B 318 -2.01 -16.49 -16.01
N ASN B 319 -2.39 -17.54 -15.28
CA ASN B 319 -1.58 -17.93 -14.13
C ASN B 319 -0.14 -18.20 -14.54
N GLU B 320 0.78 -17.59 -13.80
CA GLU B 320 2.20 -17.67 -14.07
C GLU B 320 2.83 -18.95 -13.51
N ALA B 321 2.37 -20.11 -13.99
CA ALA B 321 2.97 -21.37 -13.53
C ALA B 321 4.48 -21.34 -13.76
N PHE B 322 4.83 -20.83 -14.94
CA PHE B 322 6.18 -20.55 -15.40
C PHE B 322 6.03 -19.33 -16.26
N ALA B 323 7.09 -18.53 -16.38
CA ALA B 323 7.04 -17.41 -17.32
C ALA B 323 6.67 -17.85 -18.73
N VAL B 324 7.09 -19.06 -19.10
CA VAL B 324 6.71 -19.66 -20.39
C VAL B 324 5.23 -19.52 -20.71
N VAL B 325 4.36 -19.72 -19.71
CA VAL B 325 2.95 -19.86 -20.00
C VAL B 325 2.30 -18.51 -20.44
N PRO B 326 2.43 -17.42 -19.66
CA PRO B 326 1.89 -16.16 -20.19
C PRO B 326 2.61 -15.72 -21.46
N LEU B 327 3.91 -15.97 -21.59
CA LEU B 327 4.58 -15.59 -22.83
C LEU B 327 3.98 -16.31 -24.03
N TYR B 328 3.79 -17.63 -23.95
CA TYR B 328 3.19 -18.36 -25.03
C TYR B 328 1.81 -17.83 -25.34
N THR B 329 1.04 -17.61 -24.28
CA THR B 329 -0.35 -17.25 -24.44
C THR B 329 -0.47 -15.89 -25.11
N MET B 330 0.34 -14.94 -24.65
CA MET B 330 0.27 -13.59 -25.20
C MET B 330 0.65 -13.56 -26.67
N LYS B 331 1.72 -14.24 -27.02
CA LYS B 331 2.16 -14.13 -28.42
C LYS B 331 1.25 -14.93 -29.34
N THR B 332 0.67 -16.02 -28.86
CA THR B 332 -0.21 -16.84 -29.69
C THR B 332 -1.55 -16.16 -29.96
N LEU B 333 -2.08 -15.48 -28.94
CA LEU B 333 -3.38 -14.82 -29.06
C LEU B 333 -3.29 -13.34 -29.42
N GLY B 334 -2.09 -12.76 -29.38
CA GLY B 334 -1.95 -11.35 -29.71
C GLY B 334 -2.39 -10.41 -28.59
N LEU B 335 -2.14 -10.81 -27.35
CA LEU B 335 -2.56 -10.03 -26.22
C LEU B 335 -1.58 -8.92 -25.93
N ASP B 336 -2.13 -7.83 -25.41
CA ASP B 336 -1.36 -6.67 -24.99
C ASP B 336 -0.75 -6.93 -23.62
N GLU B 337 0.57 -7.02 -23.53
CA GLU B 337 1.24 -7.33 -22.27
C GLU B 337 0.90 -6.34 -21.15
N SER B 338 0.49 -5.12 -21.50
CA SER B 338 0.19 -4.13 -20.49
C SER B 338 -1.14 -4.42 -19.82
N LYS B 339 -1.86 -5.40 -20.33
CA LYS B 339 -3.16 -5.80 -19.76
C LYS B 339 -3.10 -7.18 -19.17
N VAL B 340 -1.90 -7.76 -19.06
CA VAL B 340 -1.75 -9.15 -18.61
C VAL B 340 -0.99 -9.22 -17.28
N ASN B 341 -1.60 -9.82 -16.26
CA ASN B 341 -0.96 -10.04 -14.96
C ASN B 341 -0.33 -8.76 -14.42
N ILE B 342 -1.14 -7.70 -14.39
CA ILE B 342 -0.57 -6.36 -14.19
C ILE B 342 -0.12 -6.11 -12.77
N HIS B 343 -0.53 -6.96 -11.83
CA HIS B 343 -0.13 -6.87 -10.43
C HIS B 343 0.70 -8.06 -9.99
N GLY B 344 1.43 -8.66 -10.94
CA GLY B 344 2.27 -9.80 -10.63
C GLY B 344 1.50 -11.11 -10.76
N GLY B 345 2.09 -12.17 -10.27
CA GLY B 345 1.48 -13.48 -10.39
C GLY B 345 2.40 -14.52 -9.81
N ALA B 346 2.07 -15.78 -10.08
CA ALA B 346 2.68 -16.89 -9.35
C ALA B 346 4.19 -17.06 -9.47
N VAL B 347 4.82 -16.45 -10.49
CA VAL B 347 6.28 -16.51 -10.58
C VAL B 347 6.91 -15.75 -9.42
N SER B 348 6.26 -14.67 -9.00
CA SER B 348 6.78 -13.81 -7.92
C SER B 348 6.00 -13.89 -6.61
N LEU B 349 4.73 -14.29 -6.70
CA LEU B 349 3.87 -14.41 -5.52
C LEU B 349 3.81 -15.85 -5.02
N GLY B 350 4.13 -16.81 -5.88
CA GLY B 350 4.04 -18.21 -5.51
C GLY B 350 2.80 -18.93 -6.02
N HIS B 351 2.81 -20.25 -5.91
CA HIS B 351 1.74 -21.08 -6.46
C HIS B 351 1.34 -22.20 -5.49
N PRO B 352 0.59 -21.85 -4.43
CA PRO B 352 -0.07 -22.91 -3.63
C PRO B 352 -1.11 -23.54 -4.55
N ILE B 353 -0.85 -24.78 -4.98
CA ILE B 353 -1.53 -25.29 -6.17
C ILE B 353 -3.06 -25.12 -6.14
N GLY B 354 -3.70 -25.55 -5.05
CA GLY B 354 -5.14 -25.47 -4.95
C GLY B 354 -5.69 -24.07 -4.87
N MET B 355 -4.86 -23.13 -4.42
CA MET B 355 -5.31 -21.76 -4.21
C MET B 355 -5.38 -20.94 -5.48
N SER B 356 -4.39 -21.08 -6.37
CA SER B 356 -4.17 -20.04 -7.35
C SER B 356 -5.34 -19.72 -8.28
N GLY B 357 -6.11 -20.72 -8.70
CA GLY B 357 -7.23 -20.45 -9.57
C GLY B 357 -8.29 -19.60 -8.90
N ALA B 358 -8.46 -19.77 -7.59
CA ALA B 358 -9.37 -18.90 -6.84
C ALA B 358 -8.76 -17.52 -6.60
N ARG B 359 -7.46 -17.47 -6.31
CA ARG B 359 -6.82 -16.18 -6.08
C ARG B 359 -7.03 -15.27 -7.28
N ILE B 360 -6.77 -15.76 -8.49
CA ILE B 360 -6.74 -14.83 -9.62
C ILE B 360 -8.16 -14.38 -9.96
N VAL B 361 -9.17 -15.20 -9.71
CA VAL B 361 -10.54 -14.77 -9.94
C VAL B 361 -10.94 -13.74 -8.87
N GLY B 362 -10.66 -14.00 -7.61
CA GLY B 362 -10.96 -13.03 -6.56
C GLY B 362 -10.22 -11.72 -6.76
N HIS B 363 -9.03 -11.78 -7.32
CA HIS B 363 -8.28 -10.56 -7.59
C HIS B 363 -9.01 -9.71 -8.63
N LEU B 364 -9.47 -10.32 -9.72
CA LEU B 364 -10.28 -9.61 -10.71
C LEU B 364 -11.56 -9.02 -10.10
N VAL B 365 -12.22 -9.78 -9.24
CA VAL B 365 -13.42 -9.29 -8.54
C VAL B 365 -13.16 -7.96 -7.84
N HIS B 366 -12.02 -7.81 -7.17
CA HIS B 366 -11.74 -6.58 -6.46
C HIS B 366 -11.03 -5.51 -7.29
N THR B 367 -10.21 -5.90 -8.27
CA THR B 367 -9.31 -4.91 -8.89
C THR B 367 -9.85 -4.35 -10.21
N LEU B 368 -10.75 -5.06 -10.87
CA LEU B 368 -11.43 -4.50 -12.04
C LEU B 368 -12.18 -3.24 -11.65
N LYS B 369 -12.22 -2.28 -12.56
CA LYS B 369 -13.08 -1.13 -12.37
C LYS B 369 -14.47 -1.46 -12.84
N PRO B 370 -15.49 -0.82 -12.22
CA PRO B 370 -16.85 -1.08 -12.68
C PRO B 370 -17.02 -0.92 -14.18
N GLY B 371 -17.69 -1.89 -14.79
CA GLY B 371 -17.88 -1.96 -16.23
C GLY B 371 -16.82 -2.73 -16.99
N GLN B 372 -15.69 -3.00 -16.35
CA GLN B 372 -14.62 -3.76 -17.01
C GLN B 372 -14.84 -5.25 -16.97
N LYS B 373 -14.25 -5.94 -17.95
CA LYS B 373 -14.33 -7.39 -18.06
C LYS B 373 -12.95 -7.98 -17.87
N GLY B 374 -12.90 -9.06 -17.11
CA GLY B 374 -11.64 -9.74 -16.83
C GLY B 374 -11.72 -11.20 -17.21
N CYS B 375 -10.61 -11.72 -17.73
CA CYS B 375 -10.54 -13.14 -18.06
C CYS B 375 -9.36 -13.76 -17.32
N ALA B 376 -9.67 -14.84 -16.61
CA ALA B 376 -8.67 -15.64 -15.89
C ALA B 376 -8.51 -16.97 -16.61
N ALA B 377 -7.27 -17.40 -16.79
CA ALA B 377 -6.97 -18.70 -17.42
C ALA B 377 -5.80 -19.33 -16.70
N ILE B 378 -5.97 -20.60 -16.31
CA ILE B 378 -4.99 -21.27 -15.46
C ILE B 378 -4.72 -22.69 -15.96
N CYS B 379 -3.48 -22.90 -16.40
CA CYS B 379 -3.05 -24.23 -16.84
C CYS B 379 -2.99 -25.15 -15.64
N ASN B 380 -3.07 -26.46 -15.88
CA ASN B 380 -3.00 -27.41 -14.78
C ASN B 380 -2.30 -28.69 -15.19
N GLY B 381 -1.59 -29.26 -14.21
CA GLY B 381 -0.97 -30.56 -14.36
C GLY B 381 -1.96 -31.53 -14.95
N GLY B 382 -1.48 -32.32 -15.92
CA GLY B 382 -2.31 -33.26 -16.63
C GLY B 382 -2.66 -32.83 -18.04
N GLY B 383 -2.47 -31.54 -18.33
CA GLY B 383 -2.70 -31.02 -19.68
C GLY B 383 -3.85 -30.05 -19.84
N GLY B 384 -4.56 -29.79 -18.76
CA GLY B 384 -5.75 -28.95 -18.81
C GLY B 384 -5.49 -27.47 -18.61
N ALA B 385 -6.56 -26.71 -18.83
CA ALA B 385 -6.63 -25.35 -18.32
C ALA B 385 -8.08 -24.99 -18.03
N GLY B 386 -8.27 -24.23 -16.95
CA GLY B 386 -9.56 -23.61 -16.66
C GLY B 386 -9.59 -22.17 -17.13
N GLY B 387 -10.76 -21.74 -17.58
CA GLY B 387 -11.00 -20.36 -17.97
C GLY B 387 -12.27 -19.79 -17.36
N MET B 388 -12.26 -18.48 -17.16
CA MET B 388 -13.40 -17.79 -16.55
C MET B 388 -13.37 -16.33 -16.97
N ILE B 389 -14.57 -15.78 -17.25
CA ILE B 389 -14.72 -14.37 -17.56
C ILE B 389 -15.78 -13.78 -16.66
N ILE B 390 -15.44 -12.67 -16.04
CA ILE B 390 -16.35 -11.94 -15.16
C ILE B 390 -16.45 -10.47 -15.58
N GLU B 391 -17.51 -9.82 -15.13
CA GLU B 391 -17.75 -8.40 -15.41
C GLU B 391 -17.92 -7.69 -14.07
N LYS B 392 -17.15 -6.62 -13.85
CA LYS B 392 -17.20 -5.88 -12.61
C LYS B 392 -18.41 -4.96 -12.57
N LEU B 393 -19.08 -4.91 -11.41
CA LEU B 393 -20.26 -4.07 -11.20
C LEU B 393 -19.96 -2.93 -10.25
K K C . 6.12 9.29 19.13
K K D . 10.29 -17.51 -8.94
#